data_7V9L
#
_entry.id   7V9L
#
_cell.length_a   1.00
_cell.length_b   1.00
_cell.length_c   1.00
_cell.angle_alpha   90.00
_cell.angle_beta   90.00
_cell.angle_gamma   90.00
#
_symmetry.space_group_name_H-M   'P 1'
#
loop_
_entity.id
_entity.type
_entity.pdbx_description
1 polymer 'Guanine nucleotide-binding protein G(s) subunit alpha isoforms short'
2 polymer 'GHRH receptor splice variant 1,GHRH receptor splice variant 1,GHRH receptor splice variant 1,SV1'
3 polymer 'Guanine nucleotide-binding protein G(I)/G(S)/G(O) subunit gamma-2'
4 polymer 'Nanobody 35'
5 polymer 'Guanine nucleotide-binding protein G(I)/G(S)/G(T) subunit beta-1'
#
loop_
_entity_poly.entity_id
_entity_poly.type
_entity_poly.pdbx_seq_one_letter_code
_entity_poly.pdbx_strand_id
1 'polypeptide(L)'
;MGCTLSAEDKAAVERSKMIEKQLQKDKQVYRATHRLLLLGADNSGKSTIVKQMRIYHVNGYSEEECKQYKAVVYSNTIQS
IIAIIRAMGRLKIDFGDSARADDARQLFVLAGAAEEGFMTAELAGVIKRLWKDSGVQACFNRSREYQLNDSAAYYLNDLD
RIAQPNYIPTQQDVLRTRVKTSGIFETKFQVDKVNFHMFDVGAQRDERRKWIQCFNDVTAIIFVVDSSDYRLQEALNDFK
SIWNNRWLRTISVILFLNKQDLLAEKVLAGKSKIEDYFPEFARYTTPEDATPEPGEDPRVTRAKYFIRDEFLRISTASGD
GRHYCYPHFTCSVDTENARRIFNDCRDIIQRMHLRQYELL
;
A
2 'polypeptide(L)'
;MVPGTPSPLLGRGKELWLESLACLPGAVKRDCTITGWSEPFPPYPVACPVPLELLAEEESYFSTVKIIYTVGHSISIVAL
FVAITILVALRRLHCPRNYVHTQLFTTFILKAGAVFLKDAALFHSDDTDHCSFSTVLCKVSVAASHFATMTNFSWLLAEA
VYLNCLLASTSPSSRRAFWWLVLAGWGLPVLFTGTWVSCKLAFEDIACWDLDDTSPYWWIIKGPIVLSVGVNFGLFLNII
RILVRKLEPAQGSLHTQSQYWRLSKSTLFLIPLFGIHYIIFNFLPDNAGLGIRLPLELGLGSFQGFIVAILYCFLNQEVR
TEISRKWHGHDPELLPAWRTRGSSGGGGSGGGGSSGVFTLEDFVGDWEQTAAYNLDQVLEQGGVSSLLQNLAVSVTPIQR
IVRSGENALKIDIHVIIPYEGLSADQMAQIEEVFKVVYPVDDHHFKVILPYGTLVIDGVTPNMLNYFGRPYEGIAVFDGK
KITVTGTLWNGNKIIDERLITPDGSMLFRVTINSGGSENLYF
;
R
3 'polypeptide(L)' MASNNTASIAQARKLVEQLKMEANIDRIKVSKAAADLMAYCEAHAKEDPLLTPVPASENPFREKKFFCAIL Y
4 'polypeptide(L)'
;MAQVQLQESGGGLVQPGGSLRLSCAASGFTFSNYKMNWVRQAPGKGLEWVSDISQSGASISYTGSVKGRFTISRDNAKNT
LYLQMNSLKPEDTAVYYCARCPAPFTRDCFDVTSTTYAYRGQGTQVTVSSHHHHHHEPEA
;
N
5 'polypeptide(L)'
;MGSLLQSELDQLRQEAEQLKNQIRDARKACADATLSQITNNIDPVGRIQMRTRRTLRGHLAKIYAMHWGTDSRLLVSASQ
DGKLIIWDSYTTNKVHAIPLRSSWVMTCAYAPSGNYVACGGLDNICSIYNLKTREGNVRVSRELAGHTGYLSCCRFLDDN
QIVTSSGDTTCALWDIETGQQTTTFTGHTGDVMSLSLAPDTRLFVSGACDASAKLWDVREGMCRQTFTGHESDINAICFF
PNGNAFATGSDDATCRLFDLRADQELMTYSHDNIICGITSVSFSKSGRLLLAGYDDFNCNVWDALKADRAGVLAGHDNRV
SCLGVTDDGMAVATGSWDSFLKIWNGSSGGGGSGGGGSSGVSGWRLFKKIS
;
B
#
# COMPACT_ATOMS: atom_id res chain seq x y z
N THR A 4 -8.08 -39.61 7.89
CA THR A 4 -9.50 -39.35 8.11
C THR A 4 -10.16 -38.79 6.85
N LEU A 5 -9.36 -38.19 5.99
CA LEU A 5 -9.88 -37.57 4.78
C LEU A 5 -10.32 -38.64 3.77
N SER A 6 -11.42 -38.35 3.08
CA SER A 6 -11.76 -39.10 1.87
C SER A 6 -10.64 -38.97 0.83
N ALA A 7 -10.59 -39.95 -0.06
CA ALA A 7 -9.54 -39.99 -1.07
C ALA A 7 -9.53 -38.74 -1.94
N GLU A 8 -10.70 -38.15 -2.19
CA GLU A 8 -10.74 -36.90 -2.94
C GLU A 8 -10.27 -35.73 -2.08
N ASP A 9 -10.66 -35.69 -0.80
CA ASP A 9 -10.12 -34.70 0.11
C ASP A 9 -8.62 -34.87 0.30
N LYS A 10 -8.15 -36.12 0.32
CA LYS A 10 -6.72 -36.38 0.42
C LYS A 10 -5.97 -35.86 -0.80
N ALA A 11 -6.49 -36.16 -2.00
CA ALA A 11 -5.83 -35.67 -3.21
C ALA A 11 -5.88 -34.15 -3.30
N ALA A 12 -6.97 -33.53 -2.84
CA ALA A 12 -7.06 -32.09 -2.82
C ALA A 12 -6.04 -31.46 -1.85
N VAL A 13 -5.86 -32.07 -0.68
CA VAL A 13 -4.84 -31.58 0.24
C VAL A 13 -3.43 -31.79 -0.33
N GLU A 14 -3.20 -32.90 -1.02
CA GLU A 14 -1.89 -33.12 -1.63
C GLU A 14 -1.60 -32.09 -2.73
N ARG A 15 -2.61 -31.77 -3.53
CA ARG A 15 -2.45 -30.69 -4.51
C ARG A 15 -2.22 -29.34 -3.84
N SER A 16 -2.95 -29.07 -2.76
CA SER A 16 -2.73 -27.84 -2.00
C SER A 16 -1.31 -27.76 -1.46
N LYS A 17 -0.77 -28.90 -0.99
CA LYS A 17 0.59 -28.90 -0.46
C LYS A 17 1.62 -28.70 -1.56
N MET A 18 1.42 -29.31 -2.73
CA MET A 18 2.34 -29.06 -3.84
C MET A 18 2.31 -27.60 -4.29
N ILE A 19 1.10 -27.02 -4.33
CA ILE A 19 0.97 -25.60 -4.63
C ILE A 19 1.63 -24.73 -3.55
N GLU A 20 1.47 -25.09 -2.28
CA GLU A 20 2.14 -24.35 -1.22
C GLU A 20 3.67 -24.47 -1.28
N LYS A 21 4.18 -25.61 -1.73
CA LYS A 21 5.63 -25.74 -1.91
C LYS A 21 6.14 -24.86 -3.05
N GLN A 22 5.42 -24.86 -4.17
CA GLN A 22 5.75 -23.94 -5.26
C GLN A 22 5.63 -22.48 -4.82
N LEU A 23 4.61 -22.14 -4.05
CA LEU A 23 4.47 -20.79 -3.50
C LEU A 23 5.55 -20.45 -2.48
N GLN A 24 6.09 -21.43 -1.75
CA GLN A 24 7.27 -21.15 -0.93
C GLN A 24 8.46 -20.78 -1.81
N LYS A 25 8.69 -21.56 -2.86
CA LYS A 25 9.83 -21.27 -3.74
C LYS A 25 9.67 -19.89 -4.39
N ASP A 26 8.46 -19.57 -4.82
CA ASP A 26 8.18 -18.26 -5.40
C ASP A 26 8.20 -17.14 -4.38
N LYS A 27 7.84 -17.40 -3.12
CA LYS A 27 8.10 -16.45 -2.05
C LYS A 27 9.58 -16.13 -1.92
N GLN A 28 10.43 -17.14 -2.06
CA GLN A 28 11.87 -16.89 -1.99
C GLN A 28 12.32 -16.03 -3.16
N VAL A 29 11.94 -16.40 -4.38
CA VAL A 29 12.35 -15.62 -5.55
C VAL A 29 11.81 -14.19 -5.49
N TYR A 30 10.54 -14.04 -5.12
CA TYR A 30 9.89 -12.73 -5.06
C TYR A 30 10.49 -11.83 -3.99
N ARG A 31 10.66 -12.34 -2.78
CA ARG A 31 11.18 -11.53 -1.69
C ARG A 31 12.66 -11.22 -1.85
N ALA A 32 13.38 -11.95 -2.68
CA ALA A 32 14.76 -11.65 -3.01
C ALA A 32 14.91 -10.66 -4.17
N THR A 33 13.82 -10.23 -4.79
CA THR A 33 13.86 -9.31 -5.91
C THR A 33 13.43 -7.92 -5.47
N HIS A 34 14.20 -6.91 -5.85
CA HIS A 34 13.83 -5.52 -5.64
C HIS A 34 13.04 -5.02 -6.84
N ARG A 35 11.75 -4.75 -6.62
CA ARG A 35 10.89 -4.15 -7.63
C ARG A 35 11.06 -2.64 -7.65
N LEU A 36 11.22 -2.08 -8.84
CA LEU A 36 11.41 -0.65 -9.03
C LEU A 36 10.40 -0.13 -10.05
N LEU A 37 9.86 1.05 -9.78
CA LEU A 37 9.03 1.77 -10.73
C LEU A 37 9.86 2.91 -11.32
N LEU A 38 9.99 2.90 -12.64
CA LEU A 38 10.70 3.95 -13.38
C LEU A 38 9.72 4.99 -13.87
N LEU A 39 9.78 6.19 -13.30
CA LEU A 39 8.93 7.29 -13.72
C LEU A 39 9.75 8.36 -14.43
N GLY A 40 9.09 9.11 -15.31
CA GLY A 40 9.71 10.24 -15.96
C GLY A 40 8.99 10.69 -17.21
N ALA A 41 9.00 12.00 -17.45
CA ALA A 41 8.43 12.55 -18.68
C ALA A 41 9.14 11.98 -19.91
N ASP A 42 8.46 12.11 -21.06
CA ASP A 42 9.02 11.62 -22.32
C ASP A 42 10.33 12.31 -22.67
N ASN A 43 10.55 13.54 -22.20
CA ASN A 43 11.82 14.20 -22.46
C ASN A 43 12.95 13.64 -21.62
N SER A 44 12.64 13.00 -20.50
CA SER A 44 13.67 12.37 -19.68
C SER A 44 14.26 11.17 -20.42
N GLY A 45 15.55 10.92 -20.17
CA GLY A 45 16.21 9.78 -20.76
C GLY A 45 15.96 8.45 -20.07
N LYS A 46 14.76 8.27 -19.52
CA LYS A 46 14.43 7.00 -18.87
C LYS A 46 14.49 5.84 -19.84
N SER A 47 14.24 6.10 -21.13
CA SER A 47 14.40 5.08 -22.15
C SER A 47 15.86 4.70 -22.31
N THR A 48 16.76 5.68 -22.33
CA THR A 48 18.18 5.36 -22.41
C THR A 48 18.68 4.69 -21.14
N ILE A 49 18.05 4.96 -19.99
CA ILE A 49 18.38 4.26 -18.76
C ILE A 49 18.00 2.78 -18.82
N VAL A 50 16.76 2.49 -19.24
CA VAL A 50 16.40 1.08 -19.43
C VAL A 50 17.27 0.44 -20.51
N LYS A 51 17.65 1.18 -21.54
CA LYS A 51 18.44 0.58 -22.61
C LYS A 51 19.84 0.22 -22.10
N GLN A 52 20.47 1.15 -21.38
CA GLN A 52 21.78 0.89 -20.80
C GLN A 52 21.76 -0.28 -19.83
N MET A 53 20.75 -0.36 -18.97
CA MET A 53 20.68 -1.47 -18.03
C MET A 53 20.32 -2.79 -18.70
N ARG A 54 19.45 -2.77 -19.70
CA ARG A 54 19.14 -3.96 -20.49
C ARG A 54 20.38 -4.49 -21.21
N ILE A 55 21.24 -3.58 -21.69
CA ILE A 55 22.46 -4.03 -22.36
C ILE A 55 23.49 -4.53 -21.35
N TYR A 56 23.68 -3.80 -20.25
CA TYR A 56 24.79 -4.11 -19.35
C TYR A 56 24.49 -5.28 -18.41
N HIS A 57 23.22 -5.63 -18.21
CA HIS A 57 22.86 -6.64 -17.22
C HIS A 57 21.77 -7.55 -17.77
N VAL A 58 21.78 -8.80 -17.30
CA VAL A 58 20.79 -9.82 -17.66
C VAL A 58 20.52 -9.86 -19.16
N VAL A 179 1.60 -6.74 -29.54
CA VAL A 179 1.95 -6.44 -28.16
C VAL A 179 2.26 -4.96 -27.99
N LYS A 180 2.00 -4.18 -29.05
CA LYS A 180 2.33 -2.76 -29.02
C LYS A 180 1.49 -1.99 -28.02
N THR A 181 0.33 -2.52 -27.62
CA THR A 181 -0.48 -1.96 -26.55
C THR A 181 0.09 -2.22 -25.16
N SER A 182 1.21 -2.91 -25.03
CA SER A 182 1.73 -3.32 -23.72
C SER A 182 1.96 -2.13 -22.79
N GLY A 183 1.15 -2.04 -21.73
CA GLY A 183 1.15 -0.91 -20.84
C GLY A 183 2.24 -0.89 -19.80
N ILE A 184 3.00 -1.98 -19.68
CA ILE A 184 4.08 -2.08 -18.70
C ILE A 184 5.26 -2.76 -19.36
N PHE A 185 6.45 -2.19 -19.19
CA PHE A 185 7.69 -2.79 -19.66
C PHE A 185 8.56 -3.12 -18.46
N GLU A 186 8.97 -4.38 -18.36
CA GLU A 186 9.88 -4.83 -17.32
C GLU A 186 11.26 -4.98 -17.93
N THR A 187 12.27 -4.39 -17.28
CA THR A 187 13.66 -4.78 -17.48
C THR A 187 14.21 -5.40 -16.20
N LYS A 188 14.51 -6.70 -16.26
CA LYS A 188 15.30 -7.32 -15.21
C LYS A 188 16.75 -6.90 -15.36
N PHE A 189 17.38 -6.49 -14.26
CA PHE A 189 18.82 -6.31 -14.24
C PHE A 189 19.35 -6.82 -12.91
N GLN A 190 20.66 -7.04 -12.87
CA GLN A 190 21.30 -7.64 -11.72
C GLN A 190 22.56 -6.87 -11.37
N VAL A 191 22.69 -6.60 -10.08
CA VAL A 191 23.86 -5.96 -9.47
C VAL A 191 24.25 -6.82 -8.28
N ASP A 192 25.54 -7.09 -8.14
CA ASP A 192 26.12 -8.25 -7.43
C ASP A 192 25.18 -9.45 -7.54
N LYS A 193 24.67 -10.00 -6.45
CA LYS A 193 23.65 -11.02 -6.55
C LYS A 193 22.22 -10.50 -6.46
N VAL A 194 22.03 -9.19 -6.25
CA VAL A 194 20.70 -8.65 -6.07
C VAL A 194 20.03 -8.52 -7.43
N ASN A 195 18.87 -9.16 -7.59
CA ASN A 195 18.05 -9.00 -8.78
C ASN A 195 17.15 -7.78 -8.64
N PHE A 196 17.10 -6.97 -9.68
CA PHE A 196 16.19 -5.83 -9.78
C PHE A 196 15.24 -6.02 -10.95
N HIS A 197 13.94 -5.87 -10.66
CA HIS A 197 12.93 -5.75 -11.70
C HIS A 197 12.50 -4.28 -11.76
N MET A 198 12.79 -3.61 -12.87
CA MET A 198 12.45 -2.21 -13.04
C MET A 198 11.32 -2.09 -14.05
N PHE A 199 10.25 -1.40 -13.65
CA PHE A 199 9.01 -1.34 -14.41
C PHE A 199 8.83 0.05 -14.99
N ASP A 200 8.70 0.12 -16.31
CA ASP A 200 8.41 1.36 -17.02
C ASP A 200 6.99 1.30 -17.57
N VAL A 201 6.16 2.23 -17.12
CA VAL A 201 4.74 2.31 -17.45
C VAL A 201 4.55 3.03 -18.78
N GLY A 202 4.60 2.28 -19.88
CA GLY A 202 4.58 2.90 -21.19
C GLY A 202 3.24 3.23 -21.84
N ALA A 203 2.39 2.24 -22.07
CA ALA A 203 1.16 2.45 -22.83
C ALA A 203 -0.06 2.73 -21.96
N GLN A 204 0.09 3.43 -20.85
CA GLN A 204 -1.06 3.97 -20.14
C GLN A 204 -1.34 5.40 -20.57
N ARG A 205 -2.48 5.93 -20.13
CA ARG A 205 -2.82 7.32 -20.34
C ARG A 205 -2.07 8.22 -19.34
N ASP A 206 -2.13 9.53 -19.62
CA ASP A 206 -1.48 10.52 -18.77
C ASP A 206 -2.04 10.53 -17.35
N GLU A 207 -3.32 10.23 -17.18
CA GLU A 207 -3.88 10.04 -15.85
C GLU A 207 -3.28 8.81 -15.19
N ARG A 208 -2.54 9.03 -14.11
CA ARG A 208 -1.82 7.96 -13.41
C ARG A 208 -2.39 7.63 -12.04
N ARG A 209 -3.31 8.44 -11.52
CA ARG A 209 -3.69 8.36 -10.11
C ARG A 209 -4.26 7.01 -9.70
N LYS A 210 -4.72 6.19 -10.62
CA LYS A 210 -5.20 4.85 -10.26
C LYS A 210 -4.15 3.76 -10.44
N TRP A 211 -3.52 3.68 -11.61
CA TRP A 211 -2.53 2.61 -11.81
C TRP A 211 -1.30 2.80 -10.94
N ILE A 212 -0.97 4.04 -10.57
CA ILE A 212 0.20 4.27 -9.71
C ILE A 212 0.06 3.57 -8.37
N GLN A 213 -1.18 3.35 -7.93
CA GLN A 213 -1.43 2.69 -6.65
C GLN A 213 -0.95 1.25 -6.62
N CYS A 214 -0.82 0.61 -7.77
CA CYS A 214 -0.18 -0.71 -7.85
C CYS A 214 1.21 -0.72 -7.23
N PHE A 215 1.95 0.37 -7.33
CA PHE A 215 3.36 0.38 -6.99
C PHE A 215 3.64 0.70 -5.53
N ASN A 216 2.61 0.69 -4.69
CA ASN A 216 2.72 0.84 -3.24
C ASN A 216 3.82 -0.01 -2.62
N ASP A 217 4.10 -1.17 -3.21
CA ASP A 217 5.05 -2.13 -2.65
C ASP A 217 6.47 -1.98 -3.17
N VAL A 218 6.70 -1.22 -4.24
CA VAL A 218 8.02 -1.21 -4.88
C VAL A 218 9.06 -0.70 -3.90
N THR A 219 10.29 -1.20 -4.04
CA THR A 219 11.38 -0.77 -3.18
C THR A 219 11.66 0.72 -3.33
N ALA A 220 11.66 1.21 -4.56
CA ALA A 220 11.87 2.62 -4.80
C ALA A 220 11.20 3.00 -6.11
N ILE A 221 10.90 4.28 -6.25
CA ILE A 221 10.57 4.88 -7.54
C ILE A 221 11.80 5.60 -8.05
N ILE A 222 12.22 5.25 -9.27
CA ILE A 222 13.27 5.99 -9.96
C ILE A 222 12.60 7.09 -10.77
N PHE A 223 12.71 8.33 -10.32
CA PHE A 223 12.12 9.48 -10.99
C PHE A 223 13.20 10.20 -11.79
N VAL A 224 13.12 10.08 -13.11
CA VAL A 224 14.12 10.64 -14.01
C VAL A 224 13.64 12.01 -14.50
N VAL A 225 14.49 13.02 -14.31
CA VAL A 225 14.21 14.40 -14.68
C VAL A 225 15.16 14.82 -15.78
N ASP A 226 14.62 15.42 -16.84
CA ASP A 226 15.44 16.15 -17.81
C ASP A 226 15.82 17.49 -17.17
N SER A 227 16.98 17.49 -16.53
CA SER A 227 17.50 18.69 -15.88
C SER A 227 17.78 19.82 -16.85
N SER A 228 17.96 19.51 -18.13
CA SER A 228 18.32 20.52 -19.12
C SER A 228 17.12 21.27 -19.67
N ASP A 229 15.90 20.83 -19.41
CA ASP A 229 14.70 21.41 -19.98
C ASP A 229 13.90 22.00 -18.83
N TYR A 230 13.82 23.33 -18.78
CA TYR A 230 13.15 24.11 -17.74
C TYR A 230 11.61 23.96 -17.76
N ARG A 231 11.13 23.04 -18.61
CA ARG A 231 9.88 22.34 -18.41
C ARG A 231 9.86 21.53 -17.11
N LEU A 232 11.02 21.38 -16.47
CA LEU A 232 11.19 20.61 -15.24
C LEU A 232 10.37 21.11 -14.05
N GLN A 233 9.69 22.25 -14.14
CA GLN A 233 8.65 22.54 -13.15
C GLN A 233 7.47 21.56 -13.23
N GLU A 234 7.21 21.02 -14.43
CA GLU A 234 6.31 19.88 -14.52
C GLU A 234 6.88 18.65 -13.82
N ALA A 235 8.18 18.44 -13.93
CA ALA A 235 8.81 17.33 -13.23
C ALA A 235 8.76 17.52 -11.72
N LEU A 236 8.94 18.76 -11.25
CA LEU A 236 8.72 19.08 -9.84
C LEU A 236 7.30 18.76 -9.41
N ASN A 237 6.31 19.13 -10.22
CA ASN A 237 4.92 18.86 -9.85
C ASN A 237 4.62 17.37 -9.82
N ASP A 238 5.13 16.62 -10.80
CA ASP A 238 5.00 15.17 -10.78
C ASP A 238 5.69 14.56 -9.56
N PHE A 239 6.89 15.02 -9.24
CA PHE A 239 7.60 14.52 -8.07
C PHE A 239 6.84 14.82 -6.79
N LYS A 240 6.35 16.05 -6.64
CA LYS A 240 5.51 16.42 -5.50
C LYS A 240 4.30 15.50 -5.37
N SER A 241 3.67 15.17 -6.49
CA SER A 241 2.50 14.29 -6.46
C SER A 241 2.89 12.88 -6.05
N ILE A 242 3.95 12.34 -6.65
CA ILE A 242 4.39 10.99 -6.31
C ILE A 242 4.80 10.92 -4.84
N TRP A 243 5.50 11.95 -4.37
CA TRP A 243 6.04 11.98 -3.02
C TRP A 243 4.94 12.11 -1.97
N ASN A 244 3.92 12.90 -2.24
CA ASN A 244 2.86 13.16 -1.27
C ASN A 244 1.67 12.21 -1.37
N ASN A 245 1.63 11.33 -2.35
CA ASN A 245 0.49 10.42 -2.47
C ASN A 245 0.42 9.46 -1.30
N ARG A 246 -0.81 9.24 -0.81
CA ARG A 246 -1.05 8.41 0.37
C ARG A 246 -0.63 6.96 0.19
N TRP A 247 -0.55 6.47 -1.05
CA TRP A 247 -0.12 5.11 -1.30
C TRP A 247 1.35 5.02 -1.71
N LEU A 248 2.02 6.16 -1.90
CA LEU A 248 3.41 6.17 -2.31
C LEU A 248 4.33 6.80 -1.28
N ARG A 249 3.80 7.54 -0.31
CA ARG A 249 4.54 7.76 0.91
C ARG A 249 4.92 6.42 1.53
N THR A 250 6.06 6.40 2.22
CA THR A 250 6.85 5.23 2.60
C THR A 250 7.59 4.58 1.44
N ILE A 251 7.46 5.07 0.21
CA ILE A 251 8.30 4.63 -0.89
C ILE A 251 9.33 5.72 -1.18
N SER A 252 10.60 5.35 -1.14
CA SER A 252 11.68 6.27 -1.42
C SER A 252 11.85 6.48 -2.92
N VAL A 253 12.28 7.67 -3.28
CA VAL A 253 12.45 8.06 -4.67
C VAL A 253 13.93 8.20 -4.97
N ILE A 254 14.40 7.41 -5.94
CA ILE A 254 15.73 7.57 -6.54
C ILE A 254 15.61 8.61 -7.64
N LEU A 255 16.00 9.84 -7.34
CA LEU A 255 15.82 10.97 -8.26
C LEU A 255 17.03 11.11 -9.19
N PHE A 256 16.92 10.56 -10.39
CA PHE A 256 17.95 10.73 -11.42
C PHE A 256 17.75 12.05 -12.16
N LEU A 257 18.54 13.05 -11.77
CA LEU A 257 18.65 14.32 -12.50
C LEU A 257 19.47 14.09 -13.77
N ASN A 258 18.81 13.59 -14.80
CA ASN A 258 19.48 13.13 -16.01
C ASN A 258 19.79 14.29 -16.95
N LYS A 259 20.52 13.96 -18.02
CA LYS A 259 20.92 14.92 -19.04
C LYS A 259 21.78 16.04 -18.45
N GLN A 260 22.68 15.67 -17.55
CA GLN A 260 23.62 16.61 -16.94
C GLN A 260 24.55 17.24 -17.97
N ASP A 261 24.95 16.50 -19.00
CA ASP A 261 25.75 17.08 -20.08
C ASP A 261 24.98 18.15 -20.84
N LEU A 262 23.72 17.87 -21.17
CA LEU A 262 22.91 18.87 -21.85
C LEU A 262 22.67 20.08 -20.95
N LEU A 263 22.52 19.85 -19.64
CA LEU A 263 22.41 20.97 -18.70
C LEU A 263 23.67 21.82 -18.68
N ALA A 264 24.84 21.17 -18.66
CA ALA A 264 26.10 21.89 -18.73
C ALA A 264 26.19 22.75 -19.98
N GLU A 265 25.89 22.16 -21.15
CA GLU A 265 25.89 22.94 -22.39
C GLU A 265 24.88 24.07 -22.32
N LYS A 266 23.68 23.79 -21.79
CA LYS A 266 22.61 24.77 -21.75
C LYS A 266 23.01 26.00 -20.93
N VAL A 267 23.63 25.78 -19.77
CA VAL A 267 23.98 26.91 -18.91
C VAL A 267 25.30 27.56 -19.33
N LEU A 268 26.20 26.82 -19.98
CA LEU A 268 27.40 27.45 -20.50
C LEU A 268 27.12 28.31 -21.72
N ALA A 269 26.16 27.91 -22.55
CA ALA A 269 25.78 28.74 -23.69
C ALA A 269 25.09 30.02 -23.24
N GLY A 270 24.39 29.99 -22.11
CA GLY A 270 23.81 31.20 -21.55
C GLY A 270 22.64 31.77 -22.32
N LYS A 271 22.10 31.04 -23.30
CA LYS A 271 20.96 31.53 -24.07
C LYS A 271 19.65 31.38 -23.32
N SER A 272 19.61 30.55 -22.28
CA SER A 272 18.44 30.44 -21.42
C SER A 272 18.90 30.38 -19.98
N LYS A 273 18.19 31.09 -19.11
CA LYS A 273 18.67 31.36 -17.76
C LYS A 273 17.61 30.95 -16.75
N ILE A 274 18.03 30.18 -15.74
CA ILE A 274 17.08 29.48 -14.88
C ILE A 274 16.25 30.46 -14.07
N GLU A 275 16.81 31.64 -13.74
CA GLU A 275 16.05 32.65 -13.02
C GLU A 275 14.83 33.14 -13.81
N ASP A 276 14.81 32.93 -15.12
CA ASP A 276 13.60 33.24 -15.87
C ASP A 276 12.47 32.28 -15.50
N TYR A 277 12.81 31.06 -15.12
CA TYR A 277 11.85 30.02 -14.77
C TYR A 277 11.70 29.86 -13.28
N PHE A 278 12.76 30.09 -12.50
CA PHE A 278 12.70 30.01 -11.04
C PHE A 278 13.38 31.24 -10.45
N PRO A 279 12.61 32.25 -10.02
CA PRO A 279 13.21 33.48 -9.48
C PRO A 279 14.16 33.27 -8.32
N GLU A 280 14.00 32.16 -7.57
CA GLU A 280 14.91 31.82 -6.47
C GLU A 280 16.35 31.63 -6.93
N PHE A 281 16.56 31.26 -8.19
CA PHE A 281 17.91 30.97 -8.67
C PHE A 281 18.82 32.20 -8.66
N ALA A 282 18.26 33.41 -8.78
CA ALA A 282 19.09 34.60 -8.65
C ALA A 282 19.69 34.73 -7.26
N ARG A 283 18.99 34.23 -6.24
CA ARG A 283 19.50 34.26 -4.86
C ARG A 283 20.28 33.01 -4.48
N TYR A 284 19.96 31.86 -5.08
CA TYR A 284 20.52 30.59 -4.67
C TYR A 284 22.05 30.57 -4.79
N THR A 285 22.70 30.14 -3.71
CA THR A 285 24.15 30.00 -3.64
C THR A 285 24.50 28.53 -3.42
N THR A 286 25.49 28.04 -4.16
CA THR A 286 25.88 26.64 -4.12
C THR A 286 26.26 26.21 -2.70
N PRO A 287 25.71 25.10 -2.21
CA PRO A 287 26.05 24.65 -0.85
C PRO A 287 27.47 24.12 -0.77
N GLU A 288 28.08 24.28 0.40
CA GLU A 288 29.38 23.68 0.67
C GLU A 288 29.33 22.15 0.69
N ASP A 289 28.14 21.57 0.77
CA ASP A 289 27.97 20.13 0.58
C ASP A 289 28.22 19.67 -0.85
N ALA A 290 28.26 20.59 -1.81
CA ALA A 290 28.42 20.22 -3.20
C ALA A 290 29.79 19.60 -3.43
N THR A 291 29.81 18.48 -4.16
CA THR A 291 31.03 17.80 -4.59
C THR A 291 31.06 17.79 -6.11
N PRO A 292 31.35 18.94 -6.73
CA PRO A 292 31.38 18.99 -8.19
C PRO A 292 32.46 18.10 -8.79
N GLU A 293 32.27 17.77 -10.06
CA GLU A 293 33.34 17.19 -10.85
C GLU A 293 34.49 18.19 -10.97
N PRO A 294 35.73 17.69 -11.06
CA PRO A 294 36.89 18.61 -11.09
C PRO A 294 36.88 19.59 -12.25
N GLY A 295 36.23 19.26 -13.37
CA GLY A 295 36.29 20.14 -14.53
C GLY A 295 35.10 21.02 -14.80
N GLU A 296 33.99 20.81 -14.08
CA GLU A 296 32.75 21.52 -14.40
C GLU A 296 32.76 22.93 -13.83
N ASP A 297 32.20 23.86 -14.58
CA ASP A 297 32.19 25.26 -14.19
C ASP A 297 31.28 25.47 -12.97
N PRO A 298 31.64 26.40 -12.08
CA PRO A 298 30.77 26.71 -10.93
C PRO A 298 29.35 27.10 -11.30
N ARG A 299 29.13 27.72 -12.46
CA ARG A 299 27.77 27.97 -12.93
C ARG A 299 27.00 26.68 -13.18
N VAL A 300 27.65 25.70 -13.82
CA VAL A 300 27.04 24.39 -14.02
C VAL A 300 26.72 23.73 -12.68
N THR A 301 27.65 23.80 -11.74
CA THR A 301 27.39 23.28 -10.39
C THR A 301 26.20 23.96 -9.74
N ARG A 302 26.15 25.30 -9.81
CA ARG A 302 25.07 26.03 -9.16
C ARG A 302 23.72 25.70 -9.78
N ALA A 303 23.66 25.56 -11.11
CA ALA A 303 22.44 25.12 -11.77
C ALA A 303 22.04 23.72 -11.32
N LYS A 304 22.99 22.78 -11.36
CA LYS A 304 22.75 21.41 -10.94
C LYS A 304 22.18 21.35 -9.52
N TYR A 305 22.87 21.98 -8.59
CA TYR A 305 22.47 21.90 -7.19
C TYR A 305 21.21 22.72 -6.91
N PHE A 306 20.93 23.77 -7.67
CA PHE A 306 19.64 24.43 -7.53
C PHE A 306 18.51 23.47 -7.89
N ILE A 307 18.61 22.82 -9.05
CA ILE A 307 17.58 21.87 -9.47
C ILE A 307 17.42 20.77 -8.43
N ARG A 308 18.54 20.17 -8.02
CA ARG A 308 18.55 19.19 -6.95
C ARG A 308 17.87 19.71 -5.69
N ASP A 309 18.21 20.92 -5.26
CA ASP A 309 17.67 21.45 -4.01
C ASP A 309 16.20 21.81 -4.12
N GLU A 310 15.67 22.06 -5.31
CA GLU A 310 14.23 22.19 -5.48
C GLU A 310 13.52 20.85 -5.29
N PHE A 311 14.07 19.78 -5.87
CA PHE A 311 13.51 18.46 -5.58
C PHE A 311 13.68 18.06 -4.12
N LEU A 312 14.83 18.37 -3.53
CA LEU A 312 15.02 18.12 -2.11
C LEU A 312 14.11 18.97 -1.24
N ARG A 313 13.83 20.21 -1.64
CA ARG A 313 12.83 21.01 -0.94
C ARG A 313 11.49 20.29 -0.88
N ILE A 314 11.08 19.70 -2.00
CA ILE A 314 9.84 18.93 -2.00
C ILE A 314 9.96 17.71 -1.10
N SER A 315 11.08 16.98 -1.20
CA SER A 315 11.23 15.75 -0.41
C SER A 315 11.27 16.03 1.08
N THR A 316 11.93 17.11 1.49
CA THR A 316 12.10 17.50 2.89
C THR A 316 10.91 18.24 3.45
N ALA A 317 9.96 18.65 2.60
CA ALA A 317 8.77 19.31 3.12
C ALA A 317 7.86 18.35 3.87
N SER A 318 7.79 17.08 3.46
CA SER A 318 6.71 16.22 3.93
C SER A 318 7.07 14.76 4.13
N GLY A 319 8.30 14.33 3.84
CA GLY A 319 8.64 12.93 4.02
C GLY A 319 8.58 12.46 5.46
N ASP A 320 8.89 13.35 6.41
CA ASP A 320 8.84 13.06 7.85
C ASP A 320 9.58 11.76 8.22
N GLY A 321 10.64 11.45 7.49
CA GLY A 321 11.41 10.25 7.74
C GLY A 321 10.79 8.93 7.32
N ARG A 322 9.59 8.93 6.75
CA ARG A 322 9.02 7.67 6.29
C ARG A 322 9.63 7.20 4.99
N HIS A 323 10.07 8.12 4.14
CA HIS A 323 10.72 7.76 2.89
C HIS A 323 11.68 8.88 2.50
N TYR A 324 12.67 8.53 1.69
CA TYR A 324 13.81 9.39 1.42
C TYR A 324 13.99 9.58 -0.08
N CYS A 325 14.53 10.74 -0.45
CA CYS A 325 14.86 11.05 -1.83
C CYS A 325 16.37 10.96 -2.01
N TYR A 326 16.80 10.29 -3.08
CA TYR A 326 18.21 10.05 -3.37
C TYR A 326 18.55 10.72 -4.70
N PRO A 327 18.97 11.99 -4.68
CA PRO A 327 19.37 12.64 -5.92
C PRO A 327 20.65 12.04 -6.48
N HIS A 328 20.65 11.82 -7.78
CA HIS A 328 21.86 11.44 -8.52
C HIS A 328 21.92 12.23 -9.81
N PHE A 329 23.12 12.71 -10.13
CA PHE A 329 23.39 13.40 -11.39
C PHE A 329 23.88 12.38 -12.41
N THR A 330 23.07 12.13 -13.44
CA THR A 330 23.37 11.10 -14.42
C THR A 330 23.48 11.72 -15.80
N CYS A 331 24.44 11.21 -16.58
CA CYS A 331 24.51 11.46 -18.01
C CYS A 331 23.58 10.51 -18.77
N SER A 332 23.31 10.86 -20.03
CA SER A 332 22.33 10.15 -20.83
C SER A 332 22.62 8.64 -20.86
N VAL A 333 23.87 8.27 -21.13
CA VAL A 333 24.34 6.91 -20.87
C VAL A 333 25.49 6.98 -19.88
N ASP A 334 25.33 6.29 -18.75
CA ASP A 334 26.28 6.38 -17.63
C ASP A 334 26.19 5.06 -16.88
N THR A 335 27.19 4.21 -17.05
CA THR A 335 27.13 2.84 -16.55
C THR A 335 27.01 2.76 -15.04
N GLU A 336 27.36 3.83 -14.32
CA GLU A 336 27.24 3.85 -12.87
C GLU A 336 25.81 3.77 -12.35
N ASN A 337 24.81 4.01 -13.20
CA ASN A 337 23.43 4.17 -12.71
C ASN A 337 22.91 2.92 -12.03
N ALA A 338 23.26 1.74 -12.53
CA ALA A 338 22.80 0.50 -11.89
C ALA A 338 23.44 0.30 -10.53
N ARG A 339 24.72 0.66 -10.38
CA ARG A 339 25.32 0.73 -9.05
C ARG A 339 24.64 1.75 -8.16
N ARG A 340 24.28 2.91 -8.70
CA ARG A 340 23.58 3.91 -7.90
C ARG A 340 22.27 3.37 -7.35
N ILE A 341 21.50 2.69 -8.20
CA ILE A 341 20.24 2.08 -7.77
C ILE A 341 20.48 0.95 -6.79
N PHE A 342 21.56 0.19 -6.96
CA PHE A 342 21.89 -0.86 -6.00
C PHE A 342 22.23 -0.25 -4.64
N ASN A 343 23.09 0.76 -4.63
CA ASN A 343 23.52 1.39 -3.40
C ASN A 343 22.34 1.98 -2.64
N ASP A 344 21.49 2.74 -3.32
CA ASP A 344 20.38 3.34 -2.57
C ASP A 344 19.19 2.42 -2.36
N CYS A 345 19.07 1.30 -3.08
CA CYS A 345 18.20 0.22 -2.62
C CYS A 345 18.72 -0.42 -1.35
N ARG A 346 20.02 -0.68 -1.27
CA ARG A 346 20.62 -1.19 -0.04
C ARG A 346 20.40 -0.21 1.11
N ASP A 347 20.49 1.09 0.82
CA ASP A 347 20.22 2.09 1.85
C ASP A 347 18.75 2.10 2.26
N ILE A 348 17.83 2.00 1.30
CA ILE A 348 16.41 1.95 1.63
C ILE A 348 16.11 0.74 2.50
N ILE A 349 16.65 -0.42 2.15
CA ILE A 349 16.38 -1.64 2.91
C ILE A 349 17.00 -1.57 4.30
N GLN A 350 18.22 -1.02 4.41
CA GLN A 350 18.80 -0.78 5.72
C GLN A 350 17.95 0.14 6.57
N ARG A 351 17.46 1.24 5.97
CA ARG A 351 16.63 2.17 6.72
C ARG A 351 15.32 1.53 7.15
N MET A 352 14.71 0.72 6.29
CA MET A 352 13.53 -0.05 6.67
C MET A 352 13.82 -0.95 7.87
N HIS A 353 14.95 -1.66 7.84
CA HIS A 353 15.31 -2.54 8.96
C HIS A 353 15.54 -1.75 10.24
N LEU A 354 16.25 -0.62 10.14
CA LEU A 354 16.47 0.21 11.31
C LEU A 354 15.18 0.82 11.85
N ARG A 355 14.25 1.18 10.95
CA ARG A 355 12.95 1.65 11.39
C ARG A 355 12.18 0.58 12.15
N GLN A 356 12.18 -0.66 11.64
CA GLN A 356 11.39 -1.68 12.30
C GLN A 356 12.04 -2.13 13.61
N TYR A 357 13.35 -1.96 13.76
CA TYR A 357 14.01 -2.11 15.05
C TYR A 357 13.87 -0.88 15.94
N GLU A 358 13.11 0.13 15.50
CA GLU A 358 12.91 1.38 16.22
C GLU A 358 14.20 2.19 16.38
N LEU A 359 15.22 1.89 15.59
CA LEU A 359 16.51 2.58 15.72
C LEU A 359 16.62 3.80 14.84
N LEU A 360 15.67 4.03 13.94
CA LEU A 360 15.75 5.16 13.02
C LEU A 360 14.36 5.56 12.53
N PHE B 62 25.45 -7.07 51.28
CA PHE B 62 25.34 -8.26 50.45
C PHE B 62 23.89 -8.66 50.23
N SER B 63 23.07 -8.53 51.28
CA SER B 63 21.67 -8.90 51.16
C SER B 63 20.92 -7.94 50.24
N THR B 64 21.26 -6.65 50.29
CA THR B 64 20.60 -5.68 49.42
C THR B 64 20.71 -6.09 47.95
N VAL B 65 21.90 -6.53 47.55
CA VAL B 65 22.09 -7.05 46.19
C VAL B 65 21.18 -8.24 45.93
N LYS B 66 21.15 -9.19 46.87
CA LYS B 66 20.32 -10.37 46.69
C LYS B 66 18.85 -10.02 46.54
N ILE B 67 18.38 -9.03 47.29
CA ILE B 67 16.98 -8.63 47.23
C ILE B 67 16.69 -7.97 45.89
N ILE B 68 17.50 -6.98 45.52
CA ILE B 68 17.28 -6.31 44.24
C ILE B 68 17.32 -7.34 43.11
N TYR B 69 18.30 -8.22 43.16
CA TYR B 69 18.51 -9.26 42.16
C TYR B 69 17.28 -10.15 42.01
N THR B 70 16.71 -10.60 43.13
CA THR B 70 15.58 -11.50 43.04
C THR B 70 14.30 -10.77 42.62
N VAL B 71 14.07 -9.57 43.14
CA VAL B 71 12.82 -8.88 42.83
C VAL B 71 12.83 -8.40 41.39
N GLY B 72 13.99 -7.90 40.91
CA GLY B 72 14.13 -7.58 39.51
C GLY B 72 13.96 -8.77 38.60
N HIS B 73 14.48 -9.94 39.01
CA HIS B 73 14.24 -11.14 38.23
C HIS B 73 12.76 -11.51 38.19
N SER B 74 12.04 -11.35 39.30
CA SER B 74 10.61 -11.65 39.31
C SER B 74 9.83 -10.72 38.39
N ILE B 75 10.10 -9.41 38.50
CA ILE B 75 9.50 -8.43 37.60
C ILE B 75 9.82 -8.78 36.16
N SER B 76 11.08 -9.12 35.88
CA SER B 76 11.46 -9.56 34.55
C SER B 76 10.62 -10.75 34.12
N ILE B 77 10.51 -11.77 34.96
CA ILE B 77 9.79 -12.98 34.56
C ILE B 77 8.36 -12.66 34.13
N VAL B 78 7.66 -11.84 34.92
CA VAL B 78 6.27 -11.52 34.53
C VAL B 78 6.22 -10.66 33.28
N ALA B 79 7.07 -9.63 33.18
CA ALA B 79 7.06 -8.80 31.97
C ALA B 79 7.49 -9.58 30.74
N LEU B 80 8.31 -10.60 30.92
CA LEU B 80 8.74 -11.44 29.80
C LEU B 80 7.66 -12.43 29.41
N PHE B 81 6.93 -12.99 30.39
CA PHE B 81 5.84 -13.88 30.05
C PHE B 81 4.77 -13.14 29.26
N VAL B 82 4.44 -11.92 29.67
CA VAL B 82 3.47 -11.14 28.90
C VAL B 82 4.05 -10.74 27.53
N ALA B 83 5.32 -10.33 27.49
CA ALA B 83 5.96 -10.01 26.21
C ALA B 83 5.92 -11.19 25.24
N ILE B 84 6.32 -12.37 25.70
CA ILE B 84 6.29 -13.56 24.86
C ILE B 84 4.87 -13.88 24.40
N THR B 85 3.90 -13.80 25.33
CA THR B 85 2.52 -14.08 24.94
C THR B 85 2.05 -13.12 23.84
N ILE B 86 2.36 -11.83 23.98
CA ILE B 86 2.02 -10.87 22.94
C ILE B 86 2.67 -11.25 21.61
N LEU B 87 3.98 -11.48 21.62
CA LEU B 87 4.71 -11.76 20.38
C LEU B 87 4.34 -13.08 19.74
N VAL B 88 3.77 -14.02 20.49
CA VAL B 88 3.44 -15.32 19.93
C VAL B 88 1.94 -15.44 19.60
N ALA B 89 1.09 -14.62 20.23
CA ALA B 89 -0.34 -14.66 19.94
C ALA B 89 -0.68 -13.85 18.69
N LEU B 90 -0.09 -12.67 18.53
CA LEU B 90 -0.52 -11.73 17.50
C LEU B 90 0.26 -12.03 16.22
N ARG B 91 -0.38 -12.78 15.33
CA ARG B 91 0.29 -13.39 14.19
C ARG B 91 0.91 -12.36 13.24
N ARG B 92 0.38 -11.13 13.23
CA ARG B 92 1.01 -10.06 12.46
C ARG B 92 2.41 -9.71 12.95
N LEU B 93 2.69 -9.94 14.23
CA LEU B 93 4.02 -9.69 14.77
C LEU B 93 5.01 -10.81 14.48
N HIS B 94 4.57 -11.90 13.84
CA HIS B 94 5.45 -13.05 13.63
C HIS B 94 6.48 -12.82 12.53
N CYS B 95 7.23 -11.73 12.63
CA CYS B 95 8.45 -11.57 11.87
C CYS B 95 9.61 -12.32 12.54
N PRO B 96 10.66 -12.67 11.79
CA PRO B 96 11.82 -13.32 12.42
C PRO B 96 12.48 -12.46 13.49
N ARG B 97 12.45 -11.15 13.33
CA ARG B 97 12.91 -10.24 14.38
C ARG B 97 12.24 -10.55 15.70
N ASN B 98 10.92 -10.63 15.69
CA ASN B 98 10.19 -10.92 16.91
C ASN B 98 10.39 -12.34 17.40
N TYR B 99 10.78 -13.28 16.52
CA TYR B 99 11.18 -14.58 17.03
C TYR B 99 12.51 -14.53 17.77
N VAL B 100 13.45 -13.71 17.29
CA VAL B 100 14.70 -13.56 18.02
C VAL B 100 14.46 -12.85 19.34
N HIS B 101 13.59 -11.83 19.34
CA HIS B 101 13.22 -11.18 20.60
C HIS B 101 12.54 -12.17 21.54
N THR B 102 11.61 -12.97 21.03
CA THR B 102 10.94 -13.99 21.84
C THR B 102 11.95 -14.93 22.47
N GLN B 103 12.90 -15.42 21.69
CA GLN B 103 13.89 -16.35 22.21
C GLN B 103 14.79 -15.70 23.24
N LEU B 104 15.19 -14.44 23.02
CA LEU B 104 15.95 -13.72 24.04
C LEU B 104 15.15 -13.56 25.33
N PHE B 105 13.86 -13.26 25.20
CA PHE B 105 13.02 -13.16 26.39
C PHE B 105 12.92 -14.50 27.11
N THR B 106 12.81 -15.59 26.36
CA THR B 106 12.81 -16.92 26.97
C THR B 106 14.13 -17.18 27.68
N THR B 107 15.24 -16.71 27.11
CA THR B 107 16.53 -16.93 27.78
C THR B 107 16.63 -16.10 29.05
N PHE B 108 15.97 -14.95 29.11
CA PHE B 108 15.93 -14.21 30.37
C PHE B 108 15.06 -14.94 31.40
N ILE B 109 13.95 -15.54 30.96
CA ILE B 109 13.13 -16.35 31.87
C ILE B 109 13.92 -17.55 32.38
N LEU B 110 14.62 -18.25 31.49
CA LEU B 110 15.49 -19.34 31.91
C LEU B 110 16.55 -18.88 32.91
N LYS B 111 17.20 -17.75 32.63
CA LYS B 111 18.24 -17.27 33.53
C LYS B 111 17.66 -16.99 34.92
N ALA B 112 16.53 -16.29 34.97
CA ALA B 112 15.90 -15.97 36.26
C ALA B 112 15.48 -17.22 37.02
N GLY B 113 14.79 -18.13 36.34
CA GLY B 113 14.34 -19.35 37.00
C GLY B 113 15.49 -20.21 37.46
N ALA B 114 16.52 -20.33 36.64
CA ALA B 114 17.66 -21.17 36.99
C ALA B 114 18.49 -20.57 38.10
N VAL B 115 18.59 -19.24 38.19
CA VAL B 115 19.29 -18.66 39.33
C VAL B 115 18.49 -18.84 40.63
N PHE B 116 17.15 -18.75 40.56
CA PHE B 116 16.36 -19.14 41.72
C PHE B 116 16.58 -20.59 42.11
N LEU B 117 16.55 -21.49 41.14
CA LEU B 117 16.82 -22.91 41.40
C LEU B 117 18.21 -23.12 41.98
N LYS B 118 19.20 -22.38 41.50
CA LYS B 118 20.56 -22.52 42.01
C LYS B 118 20.65 -22.06 43.46
N ASP B 119 20.14 -20.87 43.77
CA ASP B 119 20.26 -20.37 45.14
C ASP B 119 19.41 -21.18 46.11
N ALA B 120 18.24 -21.65 45.68
CA ALA B 120 17.44 -22.56 46.48
C ALA B 120 18.19 -23.86 46.77
N ALA B 121 18.70 -24.51 45.73
CA ALA B 121 19.40 -25.77 45.94
C ALA B 121 20.64 -25.61 46.79
N LEU B 122 21.42 -24.55 46.56
CA LEU B 122 22.62 -24.32 47.36
C LEU B 122 22.28 -24.02 48.82
N PHE B 123 21.14 -23.38 49.09
CA PHE B 123 20.84 -23.06 50.48
C PHE B 123 20.14 -24.20 51.22
N HIS B 124 19.30 -24.99 50.55
CA HIS B 124 18.63 -26.10 51.23
C HIS B 124 19.36 -27.43 51.15
N SER B 125 19.83 -27.84 49.97
CA SER B 125 20.39 -29.17 49.80
C SER B 125 21.76 -29.30 50.47
N ASP B 126 22.49 -28.20 50.64
CA ASP B 126 23.79 -28.28 51.29
C ASP B 126 23.69 -28.69 52.75
N ASP B 127 22.56 -28.44 53.41
CA ASP B 127 22.48 -28.74 54.84
C ASP B 127 21.09 -29.16 55.28
N THR B 128 20.05 -28.59 54.67
CA THR B 128 18.70 -28.71 55.23
C THR B 128 17.96 -29.96 54.77
N ASP B 129 18.06 -30.29 53.48
CA ASP B 129 17.40 -31.47 52.92
C ASP B 129 18.43 -32.58 52.71
N HIS B 130 18.19 -33.73 53.36
CA HIS B 130 19.02 -34.93 53.22
C HIS B 130 20.51 -34.65 53.22
N PHE B 133 19.10 -37.68 50.58
CA PHE B 133 19.91 -37.38 49.40
C PHE B 133 19.24 -36.26 48.62
N SER B 134 20.01 -35.22 48.30
CA SER B 134 19.49 -34.08 47.55
C SER B 134 20.62 -33.34 46.88
N THR B 135 21.82 -33.86 47.06
CA THR B 135 23.04 -33.26 46.53
C THR B 135 23.09 -33.28 45.01
N VAL B 136 22.45 -34.26 44.37
CA VAL B 136 22.35 -34.29 42.92
C VAL B 136 21.66 -33.05 42.40
N LEU B 137 20.60 -32.60 43.08
CA LEU B 137 19.90 -31.39 42.67
C LEU B 137 20.76 -30.14 42.77
N CYS B 138 21.80 -30.13 43.62
CA CYS B 138 22.78 -29.03 43.59
C CYS B 138 23.48 -28.96 42.23
N LYS B 139 24.01 -30.09 41.78
CA LYS B 139 24.63 -30.15 40.46
C LYS B 139 23.64 -29.77 39.35
N VAL B 140 22.41 -30.28 39.44
CA VAL B 140 21.40 -29.94 38.44
C VAL B 140 21.13 -28.45 38.43
N SER B 141 21.09 -27.82 39.60
CA SER B 141 20.85 -26.38 39.65
C SER B 141 22.02 -25.58 39.10
N VAL B 142 23.25 -26.05 39.33
CA VAL B 142 24.42 -25.31 38.84
C VAL B 142 24.54 -25.42 37.34
N ALA B 143 24.41 -26.64 36.80
CA ALA B 143 24.33 -26.82 35.36
C ALA B 143 23.19 -26.02 34.74
N ALA B 144 22.03 -25.98 35.39
CA ALA B 144 20.92 -25.21 34.86
C ALA B 144 21.23 -23.72 34.81
N SER B 145 21.79 -23.17 35.88
CA SER B 145 22.13 -21.75 35.90
C SER B 145 23.20 -21.40 34.87
N HIS B 146 24.16 -22.31 34.64
CA HIS B 146 25.17 -22.05 33.62
C HIS B 146 24.60 -22.16 32.21
N PHE B 147 23.81 -23.19 31.93
CA PHE B 147 23.14 -23.27 30.64
C PHE B 147 22.25 -22.06 30.38
N ALA B 148 21.47 -21.64 31.38
CA ALA B 148 20.61 -20.47 31.18
C ALA B 148 21.41 -19.19 30.99
N THR B 149 22.57 -19.08 31.64
CA THR B 149 23.42 -17.91 31.44
C THR B 149 24.00 -17.89 30.03
N MET B 150 24.52 -19.03 29.57
CA MET B 150 25.05 -19.08 28.22
C MET B 150 23.97 -18.91 27.17
N THR B 151 22.75 -19.42 27.40
CA THR B 151 21.67 -19.15 26.47
C THR B 151 21.30 -17.67 26.43
N ASN B 152 21.38 -16.98 27.57
CA ASN B 152 21.15 -15.54 27.55
C ASN B 152 22.22 -14.82 26.75
N PHE B 153 23.49 -15.10 27.02
CA PHE B 153 24.56 -14.42 26.29
C PHE B 153 24.54 -14.78 24.81
N SER B 154 24.28 -16.04 24.49
CA SER B 154 24.22 -16.47 23.10
C SER B 154 23.07 -15.81 22.35
N TRP B 155 21.93 -15.63 23.01
CA TRP B 155 20.85 -14.95 22.30
C TRP B 155 21.01 -13.43 22.27
N LEU B 156 21.72 -12.83 23.23
CA LEU B 156 22.10 -11.43 23.05
C LEU B 156 23.01 -11.26 21.84
N LEU B 157 23.96 -12.19 21.69
CA LEU B 157 24.83 -12.17 20.53
C LEU B 157 24.06 -12.48 19.26
N ALA B 158 23.10 -13.39 19.33
CA ALA B 158 22.26 -13.72 18.17
C ALA B 158 21.39 -12.54 17.77
N GLU B 159 20.95 -11.72 18.72
CA GLU B 159 20.26 -10.47 18.36
C GLU B 159 21.19 -9.56 17.59
N ALA B 160 22.42 -9.42 18.07
CA ALA B 160 23.35 -8.54 17.35
C ALA B 160 23.72 -9.12 15.98
N VAL B 161 23.86 -10.44 15.88
CA VAL B 161 24.20 -11.05 14.60
C VAL B 161 23.03 -10.95 13.64
N TYR B 162 21.80 -11.10 14.13
CA TYR B 162 20.65 -10.95 13.25
C TYR B 162 20.55 -9.54 12.70
N LEU B 163 20.71 -8.53 13.57
CA LEU B 163 20.60 -7.17 13.08
C LEU B 163 21.74 -6.82 12.12
N ASN B 164 22.94 -7.34 12.37
CA ASN B 164 24.04 -7.11 11.42
C ASN B 164 23.83 -7.86 10.11
N CYS B 165 23.30 -9.08 10.15
CA CYS B 165 22.96 -9.78 8.92
C CYS B 165 21.90 -9.04 8.13
N LEU B 166 20.88 -8.53 8.82
CA LEU B 166 19.87 -7.71 8.16
C LEU B 166 20.48 -6.50 7.46
N LEU B 167 21.31 -5.75 8.18
CA LEU B 167 21.84 -4.53 7.60
C LEU B 167 22.87 -4.82 6.51
N ALA B 168 23.60 -5.93 6.64
CA ALA B 168 24.63 -6.28 5.66
C ALA B 168 24.13 -7.15 4.52
N SER B 169 23.03 -7.88 4.70
CA SER B 169 22.53 -8.73 3.62
C SER B 169 22.13 -7.89 2.42
N THR B 170 22.66 -8.27 1.25
CA THR B 170 22.42 -7.51 0.05
C THR B 170 20.96 -7.60 -0.39
N SER B 171 20.38 -8.79 -0.32
CA SER B 171 18.94 -8.97 -0.44
C SER B 171 18.25 -8.77 0.89
N PRO B 172 16.91 -8.71 0.88
CA PRO B 172 16.15 -8.81 2.13
C PRO B 172 15.96 -10.24 2.64
N SER B 173 16.34 -11.25 1.87
CA SER B 173 15.90 -12.63 2.10
C SER B 173 16.78 -13.36 3.10
N SER B 174 17.05 -12.72 4.24
CA SER B 174 17.94 -13.22 5.27
C SER B 174 17.32 -14.34 6.12
N ARG B 175 16.16 -14.88 5.70
CA ARG B 175 15.49 -15.92 6.48
C ARG B 175 16.33 -17.17 6.64
N ARG B 176 17.31 -17.41 5.76
CA ARG B 176 18.26 -18.49 5.97
C ARG B 176 19.05 -18.29 7.26
N ALA B 177 19.53 -17.07 7.49
CA ALA B 177 20.36 -16.78 8.66
C ALA B 177 19.61 -17.02 9.96
N PHE B 178 18.30 -16.85 9.97
CA PHE B 178 17.51 -17.04 11.19
C PHE B 178 17.67 -18.45 11.76
N TRP B 179 17.60 -19.47 10.91
CA TRP B 179 17.64 -20.84 11.43
C TRP B 179 19.04 -21.21 11.91
N TRP B 180 20.07 -20.71 11.24
CA TRP B 180 21.42 -20.88 11.76
C TRP B 180 21.61 -20.13 13.07
N LEU B 181 20.97 -18.97 13.22
CA LEU B 181 21.02 -18.26 14.50
C LEU B 181 20.32 -19.03 15.60
N VAL B 182 19.18 -19.63 15.32
CA VAL B 182 18.51 -20.45 16.34
C VAL B 182 19.37 -21.65 16.72
N LEU B 183 19.93 -22.32 15.72
CA LEU B 183 20.77 -23.48 15.99
C LEU B 183 21.99 -23.11 16.81
N ALA B 184 22.67 -22.01 16.47
CA ALA B 184 23.80 -21.61 17.29
C ALA B 184 23.34 -21.19 18.68
N GLY B 185 22.24 -20.44 18.75
CA GLY B 185 21.83 -19.82 19.99
C GLY B 185 21.44 -20.80 21.05
N TRP B 186 20.87 -21.93 20.65
CA TRP B 186 20.61 -22.95 21.65
C TRP B 186 21.65 -24.07 21.66
N GLY B 187 22.11 -24.55 20.51
CA GLY B 187 23.01 -25.68 20.48
C GLY B 187 24.39 -25.39 21.05
N LEU B 188 24.93 -24.19 20.80
CA LEU B 188 26.23 -23.86 21.39
C LEU B 188 26.17 -23.80 22.91
N PRO B 189 25.19 -23.16 23.55
CA PRO B 189 25.05 -23.34 25.00
C PRO B 189 24.90 -24.79 25.42
N VAL B 190 24.16 -25.60 24.66
CA VAL B 190 24.06 -27.03 24.96
C VAL B 190 25.42 -27.70 24.86
N LEU B 191 26.12 -27.50 23.75
CA LEU B 191 27.42 -28.13 23.56
C LEU B 191 28.39 -27.75 24.68
N PHE B 192 28.47 -26.46 24.99
CA PHE B 192 29.44 -26.00 26.00
C PHE B 192 29.06 -26.45 27.40
N THR B 193 27.77 -26.34 27.76
CA THR B 193 27.35 -26.82 29.08
C THR B 193 27.61 -28.32 29.21
N GLY B 194 27.26 -29.10 28.19
CA GLY B 194 27.56 -30.52 28.23
C GLY B 194 29.03 -30.84 28.31
N THR B 195 29.88 -30.02 27.69
CA THR B 195 31.31 -30.26 27.78
C THR B 195 31.84 -29.92 29.18
N TRP B 196 31.38 -28.81 29.74
CA TRP B 196 31.72 -28.47 31.11
C TRP B 196 31.25 -29.55 32.08
N VAL B 197 30.05 -30.08 31.84
CA VAL B 197 29.56 -31.19 32.65
C VAL B 197 30.45 -32.42 32.52
N SER B 198 30.72 -32.85 31.29
CA SER B 198 31.56 -34.03 31.10
C SER B 198 32.94 -33.86 31.74
N CYS B 199 33.44 -32.64 31.78
CA CYS B 199 34.72 -32.42 32.45
C CYS B 199 34.59 -32.46 33.96
N LYS B 200 33.62 -31.73 34.53
CA LYS B 200 33.44 -31.78 35.97
C LYS B 200 33.06 -33.18 36.42
N LEU B 201 32.44 -33.97 35.54
CA LEU B 201 32.26 -35.41 35.76
C LEU B 201 33.56 -36.18 35.59
N ALA B 202 34.57 -35.59 34.99
CA ALA B 202 35.78 -36.32 34.67
C ALA B 202 37.00 -35.82 35.42
N PHE B 203 37.10 -34.52 35.65
CA PHE B 203 38.20 -33.94 36.42
C PHE B 203 37.61 -32.97 37.45
N GLU B 204 38.02 -33.14 38.71
CA GLU B 204 37.52 -32.34 39.82
C GLU B 204 35.99 -32.30 39.87
N ASP B 205 35.41 -33.48 40.05
CA ASP B 205 34.05 -33.60 40.56
C ASP B 205 34.02 -33.28 42.05
N ILE B 206 33.17 -32.32 42.44
CA ILE B 206 33.05 -31.87 43.81
C ILE B 206 31.57 -31.70 44.13
N ALA B 207 31.22 -31.94 45.39
CA ALA B 207 29.84 -32.29 45.76
C ALA B 207 28.81 -31.33 45.19
N CYS B 208 29.06 -30.03 45.27
CA CYS B 208 28.38 -29.04 44.44
C CYS B 208 29.36 -28.46 43.44
N TRP B 209 28.95 -28.44 42.16
CA TRP B 209 29.80 -27.96 41.08
C TRP B 209 30.05 -26.47 41.13
N ASP B 210 29.46 -25.75 42.09
CA ASP B 210 29.59 -24.30 42.18
C ASP B 210 31.03 -23.85 42.39
N LEU B 211 31.96 -24.76 42.66
CA LEU B 211 33.36 -24.39 42.70
C LEU B 211 33.88 -24.14 41.29
N ASP B 212 33.72 -22.90 40.81
CA ASP B 212 34.24 -22.47 39.52
C ASP B 212 35.74 -22.24 39.52
N ASP B 213 36.43 -22.49 40.64
CA ASP B 213 37.88 -22.29 40.70
C ASP B 213 38.65 -23.26 39.81
N THR B 214 38.00 -24.29 39.28
CA THR B 214 38.66 -25.23 38.39
C THR B 214 38.93 -24.58 37.04
N SER B 215 39.88 -23.64 37.02
CA SER B 215 40.27 -22.90 35.81
C SER B 215 40.36 -23.73 34.53
N PRO B 216 40.97 -24.92 34.51
CA PRO B 216 41.08 -25.64 33.22
C PRO B 216 39.74 -26.06 32.64
N TYR B 217 38.67 -26.07 33.43
CA TYR B 217 37.38 -26.56 32.94
C TYR B 217 36.25 -25.56 33.07
N TRP B 218 36.40 -24.52 33.90
CA TRP B 218 35.36 -23.52 34.02
C TRP B 218 35.33 -22.61 32.79
N TRP B 219 36.49 -22.41 32.17
CA TRP B 219 36.53 -21.58 30.98
C TRP B 219 35.74 -22.18 29.83
N ILE B 220 35.25 -23.42 29.95
CA ILE B 220 34.40 -23.97 28.90
C ILE B 220 33.08 -23.22 28.85
N ILE B 221 32.67 -22.64 29.97
CA ILE B 221 31.55 -21.73 30.01
C ILE B 221 32.00 -20.28 29.93
N LYS B 222 32.97 -19.88 30.77
CA LYS B 222 33.34 -18.46 30.84
C LYS B 222 33.90 -17.94 29.52
N GLY B 223 34.66 -18.75 28.79
CA GLY B 223 35.30 -18.33 27.56
C GLY B 223 34.34 -17.91 26.47
N PRO B 224 33.39 -18.79 26.12
CA PRO B 224 32.37 -18.40 25.15
C PRO B 224 31.53 -17.21 25.58
N ILE B 225 31.30 -17.01 26.88
CA ILE B 225 30.66 -15.77 27.32
C ILE B 225 31.53 -14.56 26.98
N VAL B 226 32.81 -14.60 27.34
CA VAL B 226 33.71 -13.49 27.05
C VAL B 226 33.77 -13.19 25.56
N LEU B 227 33.89 -14.23 24.74
CA LEU B 227 33.90 -14.04 23.29
C LEU B 227 32.56 -13.50 22.78
N SER B 228 31.45 -13.99 23.33
CA SER B 228 30.15 -13.53 22.88
C SER B 228 29.98 -12.05 23.18
N VAL B 229 30.45 -11.60 24.36
CA VAL B 229 30.31 -10.19 24.71
C VAL B 229 31.29 -9.33 23.92
N GLY B 230 32.49 -9.82 23.63
CA GLY B 230 33.38 -9.10 22.73
C GLY B 230 32.83 -8.93 21.32
N VAL B 231 32.32 -10.02 20.75
CA VAL B 231 31.71 -9.95 19.43
C VAL B 231 30.48 -9.05 19.46
N ASN B 232 29.72 -9.10 20.57
CA ASN B 232 28.57 -8.24 20.73
C ASN B 232 28.97 -6.77 20.72
N PHE B 233 30.04 -6.42 21.44
CA PHE B 233 30.50 -5.04 21.43
C PHE B 233 30.96 -4.61 20.04
N GLY B 234 31.63 -5.50 19.32
CA GLY B 234 32.00 -5.19 17.95
C GLY B 234 30.79 -4.95 17.05
N LEU B 235 29.79 -5.82 17.15
CA LEU B 235 28.59 -5.69 16.33
C LEU B 235 27.79 -4.45 16.70
N PHE B 236 27.76 -4.13 17.99
CA PHE B 236 27.14 -2.89 18.47
C PHE B 236 27.82 -1.67 17.89
N LEU B 237 29.16 -1.66 17.88
CA LEU B 237 29.87 -0.55 17.25
C LEU B 237 29.63 -0.49 15.75
N ASN B 238 29.48 -1.64 15.09
CA ASN B 238 29.14 -1.64 13.68
C ASN B 238 27.76 -1.05 13.42
N ILE B 239 26.78 -1.39 14.27
CA ILE B 239 25.44 -0.83 14.13
C ILE B 239 25.46 0.67 14.36
N ILE B 240 26.21 1.13 15.37
CA ILE B 240 26.34 2.57 15.58
C ILE B 240 27.00 3.25 14.39
N ARG B 241 27.99 2.59 13.78
CA ARG B 241 28.59 3.12 12.56
C ARG B 241 27.55 3.30 11.46
N ILE B 242 26.77 2.25 11.19
CA ILE B 242 25.74 2.30 10.16
C ILE B 242 24.74 3.40 10.47
N LEU B 243 24.32 3.48 11.74
CA LEU B 243 23.29 4.44 12.12
C LEU B 243 23.80 5.89 12.04
N VAL B 244 25.06 6.11 12.40
CA VAL B 244 25.68 7.41 12.19
C VAL B 244 25.70 7.78 10.72
N ARG B 245 26.07 6.83 9.86
CA ARG B 245 26.05 7.11 8.43
C ARG B 245 24.64 7.38 7.93
N LYS B 246 23.63 6.78 8.55
CA LYS B 246 22.25 7.09 8.19
C LYS B 246 21.85 8.49 8.63
N LEU B 247 22.30 8.91 9.81
CA LEU B 247 21.99 10.27 10.25
C LEU B 247 22.85 11.32 9.55
N GLU B 248 24.11 11.00 9.28
CA GLU B 248 24.96 11.86 8.45
C GLU B 248 24.39 12.01 7.05
N THR B 256 20.64 18.14 12.85
CA THR B 256 21.99 18.33 13.35
C THR B 256 21.93 18.45 14.87
N GLN B 257 20.71 18.56 15.40
CA GLN B 257 20.49 18.62 16.84
C GLN B 257 19.64 17.46 17.33
N SER B 258 18.47 17.25 16.74
CA SER B 258 17.67 16.07 17.06
C SER B 258 18.32 14.78 16.57
N GLN B 259 19.24 14.88 15.60
CA GLN B 259 19.91 13.68 15.09
C GLN B 259 20.78 13.02 16.15
N TYR B 260 21.45 13.82 16.98
CA TYR B 260 22.18 13.23 18.11
C TYR B 260 21.26 12.68 19.18
N TRP B 261 20.05 13.24 19.30
CA TRP B 261 19.05 12.60 20.17
C TRP B 261 18.64 11.24 19.63
N ARG B 262 18.39 11.16 18.32
CA ARG B 262 18.04 9.86 17.73
C ARG B 262 19.16 8.86 17.92
N LEU B 263 20.40 9.28 17.68
CA LEU B 263 21.54 8.38 17.86
C LEU B 263 21.66 7.92 19.30
N SER B 264 21.51 8.82 20.26
CA SER B 264 21.64 8.44 21.66
C SER B 264 20.49 7.54 22.12
N LYS B 265 19.27 7.84 21.71
CA LYS B 265 18.14 6.97 22.00
C LYS B 265 18.37 5.56 21.44
N SER B 266 18.84 5.46 20.20
CA SER B 266 19.11 4.14 19.64
C SER B 266 20.24 3.42 20.37
N THR B 267 21.30 4.15 20.73
CA THR B 267 22.38 3.54 21.50
C THR B 267 21.88 3.00 22.84
N LEU B 268 21.06 3.78 23.54
CA LEU B 268 20.53 3.33 24.82
C LEU B 268 19.40 2.32 24.68
N PHE B 269 18.84 2.18 23.47
CA PHE B 269 18.00 1.03 23.15
C PHE B 269 18.81 -0.24 22.95
N LEU B 270 20.00 -0.10 22.39
CA LEU B 270 20.82 -1.26 22.06
C LEU B 270 21.61 -1.77 23.26
N ILE B 271 21.99 -0.88 24.19
CA ILE B 271 22.74 -1.31 25.37
C ILE B 271 22.02 -2.44 26.11
N PRO B 272 20.71 -2.37 26.38
CA PRO B 272 20.06 -3.54 26.99
C PRO B 272 19.94 -4.73 26.05
N LEU B 273 19.59 -4.47 24.78
CA LEU B 273 19.30 -5.56 23.85
C LEU B 273 20.52 -6.44 23.60
N PHE B 274 21.71 -5.86 23.64
CA PHE B 274 22.94 -6.60 23.39
C PHE B 274 23.70 -6.91 24.67
N GLY B 275 23.30 -6.34 25.81
CA GLY B 275 24.04 -6.53 27.04
C GLY B 275 25.45 -6.01 26.94
N ILE B 276 25.63 -4.87 26.29
CA ILE B 276 26.94 -4.22 26.23
C ILE B 276 27.42 -3.82 27.62
N HIS B 277 26.52 -3.71 28.60
CA HIS B 277 26.94 -3.38 29.96
C HIS B 277 27.83 -4.45 30.58
N TYR B 278 27.81 -5.68 30.05
CA TYR B 278 28.79 -6.68 30.46
C TYR B 278 30.21 -6.34 30.03
N ILE B 279 30.38 -5.52 29.00
CA ILE B 279 31.73 -5.21 28.52
C ILE B 279 32.55 -4.51 29.59
N ILE B 280 31.89 -3.81 30.52
CA ILE B 280 32.62 -3.08 31.56
C ILE B 280 33.42 -4.04 32.45
N PHE B 281 32.98 -5.29 32.57
CA PHE B 281 33.64 -6.25 33.43
C PHE B 281 33.91 -7.58 32.73
N ASN B 282 33.87 -7.61 31.40
CA ASN B 282 33.88 -8.87 30.68
C ASN B 282 35.25 -9.55 30.79
N PHE B 283 36.29 -8.90 30.27
CA PHE B 283 37.60 -9.54 30.13
C PHE B 283 38.38 -9.60 31.43
N LEU B 284 37.88 -8.99 32.50
CA LEU B 284 38.67 -8.74 33.69
C LEU B 284 38.80 -10.00 34.52
N PRO B 285 39.86 -10.10 35.34
CA PRO B 285 39.85 -11.10 36.41
C PRO B 285 38.74 -10.83 37.41
N ASP B 286 38.10 -11.91 37.86
CA ASP B 286 36.77 -11.81 38.46
C ASP B 286 36.75 -10.98 39.74
N ASN B 287 37.90 -10.83 40.41
CA ASN B 287 37.97 -9.96 41.57
C ASN B 287 38.01 -8.47 41.19
N ALA B 288 38.49 -8.15 39.99
CA ALA B 288 38.73 -6.76 39.62
C ALA B 288 37.42 -6.01 39.50
N GLY B 289 37.27 -4.95 40.30
CA GLY B 289 36.05 -4.16 40.30
C GLY B 289 34.83 -4.88 40.80
N LEU B 290 35.00 -5.99 41.53
CA LEU B 290 33.87 -6.83 41.91
C LEU B 290 32.80 -6.04 42.66
N GLY B 291 33.21 -5.05 43.45
CA GLY B 291 32.25 -4.27 44.20
C GLY B 291 31.28 -3.48 43.35
N ILE B 292 31.67 -3.16 42.11
CA ILE B 292 30.75 -2.53 41.17
C ILE B 292 30.20 -3.58 40.21
N ARG B 293 31.01 -4.59 39.89
CA ARG B 293 30.56 -5.67 39.03
C ARG B 293 29.29 -6.34 39.55
N LEU B 294 29.25 -6.65 40.84
CA LEU B 294 28.09 -7.37 41.38
C LEU B 294 26.80 -6.58 41.25
N PRO B 295 26.70 -5.32 41.70
CA PRO B 295 25.45 -4.57 41.43
C PRO B 295 25.10 -4.47 39.96
N LEU B 296 26.09 -4.23 39.10
CA LEU B 296 25.79 -3.98 37.69
C LEU B 296 25.37 -5.26 36.98
N GLU B 297 26.18 -6.32 37.10
CA GLU B 297 25.87 -7.57 36.39
C GLU B 297 24.72 -8.32 37.03
N LEU B 298 24.75 -8.50 38.35
CA LEU B 298 23.66 -9.22 39.02
C LEU B 298 22.41 -8.36 39.18
N GLY B 299 22.55 -7.21 39.83
CA GLY B 299 21.37 -6.45 40.23
C GLY B 299 20.64 -5.81 39.07
N LEU B 300 21.34 -4.95 38.33
CA LEU B 300 20.74 -4.30 37.17
C LEU B 300 20.51 -5.30 36.05
N GLY B 301 21.42 -6.25 35.89
CA GLY B 301 21.21 -7.34 34.93
C GLY B 301 19.93 -8.11 35.18
N SER B 302 19.51 -8.22 36.44
CA SER B 302 18.25 -8.89 36.73
C SER B 302 17.06 -8.10 36.18
N PHE B 303 17.14 -6.77 36.23
CA PHE B 303 16.13 -5.93 35.60
C PHE B 303 16.24 -5.92 34.08
N GLN B 304 17.42 -6.26 33.54
CA GLN B 304 17.63 -6.16 32.09
C GLN B 304 16.53 -6.86 31.29
N GLY B 305 16.07 -8.02 31.76
CA GLY B 305 14.97 -8.68 31.06
C GLY B 305 13.72 -7.83 31.00
N PHE B 306 13.38 -7.16 32.09
CA PHE B 306 12.25 -6.25 32.12
C PHE B 306 12.47 -5.02 31.24
N ILE B 307 13.67 -4.44 31.28
CA ILE B 307 13.96 -3.27 30.44
C ILE B 307 13.85 -3.62 28.96
N VAL B 308 14.43 -4.76 28.57
CA VAL B 308 14.34 -5.21 27.18
C VAL B 308 12.89 -5.52 26.82
N ALA B 309 12.13 -6.12 27.73
CA ALA B 309 10.73 -6.38 27.45
C ALA B 309 9.97 -5.10 27.18
N ILE B 310 10.21 -4.07 27.98
CA ILE B 310 9.58 -2.78 27.73
C ILE B 310 9.97 -2.24 26.37
N LEU B 311 11.28 -2.11 26.14
CA LEU B 311 11.81 -1.41 24.98
C LEU B 311 11.52 -2.12 23.67
N TYR B 312 11.26 -3.43 23.70
CA TYR B 312 11.11 -4.17 22.46
C TYR B 312 9.78 -4.88 22.31
N CYS B 313 8.90 -4.86 23.31
CA CYS B 313 7.48 -5.08 23.08
C CYS B 313 6.68 -3.80 23.29
N PHE B 314 6.61 -3.31 24.52
CA PHE B 314 5.56 -2.35 24.86
C PHE B 314 5.80 -0.97 24.26
N LEU B 315 7.03 -0.66 23.87
CA LEU B 315 7.34 0.58 23.17
C LEU B 315 7.51 0.39 21.67
N ASN B 316 7.40 -0.84 21.17
CA ASN B 316 7.41 -1.05 19.73
C ASN B 316 6.06 -0.62 19.19
N GLN B 317 6.06 0.33 18.24
CA GLN B 317 4.81 0.83 17.68
C GLN B 317 4.00 -0.25 17.00
N GLU B 318 4.66 -1.26 16.44
CA GLU B 318 3.92 -2.38 15.84
C GLU B 318 3.13 -3.14 16.89
N VAL B 319 3.75 -3.47 18.02
CA VAL B 319 3.05 -4.17 19.09
C VAL B 319 1.92 -3.33 19.64
N ARG B 320 2.18 -2.04 19.89
CA ARG B 320 1.15 -1.15 20.41
C ARG B 320 -0.05 -1.06 19.46
N THR B 321 0.21 -0.93 18.16
CA THR B 321 -0.89 -0.85 17.22
C THR B 321 -1.63 -2.18 17.12
N GLU B 322 -0.91 -3.30 17.20
CA GLU B 322 -1.57 -4.60 17.09
C GLU B 322 -2.47 -4.86 18.29
N ILE B 323 -1.98 -4.60 19.51
CA ILE B 323 -2.83 -4.75 20.69
C ILE B 323 -3.97 -3.76 20.70
N SER B 324 -3.77 -2.55 20.15
CA SER B 324 -4.89 -1.61 20.10
C SER B 324 -5.95 -2.05 19.10
N ARG B 325 -5.52 -2.49 17.91
CA ARG B 325 -6.43 -2.95 16.88
C ARG B 325 -7.17 -4.21 17.31
N LYS B 326 -6.53 -5.07 18.10
CA LYS B 326 -7.26 -6.19 18.69
C LYS B 326 -8.18 -5.74 19.82
N TRP B 327 -7.79 -4.71 20.56
CA TRP B 327 -8.65 -4.17 21.60
C TRP B 327 -9.84 -3.41 20.99
N THR C 6 -13.46 18.10 -37.95
CA THR C 6 -12.94 18.73 -36.74
C THR C 6 -13.25 17.90 -35.51
N ALA C 7 -12.20 17.46 -34.82
CA ALA C 7 -12.36 16.46 -33.75
C ALA C 7 -13.25 16.97 -32.63
N SER C 8 -13.09 18.23 -32.24
CA SER C 8 -13.91 18.78 -31.16
C SER C 8 -15.37 18.88 -31.58
N ILE C 9 -15.63 19.26 -32.83
CA ILE C 9 -17.00 19.29 -33.34
C ILE C 9 -17.62 17.90 -33.28
N ALA C 10 -16.88 16.89 -33.75
CA ALA C 10 -17.38 15.52 -33.72
C ALA C 10 -17.66 15.07 -32.29
N GLN C 11 -16.75 15.37 -31.36
CA GLN C 11 -16.94 14.97 -29.97
C GLN C 11 -18.17 15.64 -29.36
N ALA C 12 -18.35 16.93 -29.61
CA ALA C 12 -19.50 17.63 -29.05
C ALA C 12 -20.81 17.16 -29.69
N ARG C 13 -20.79 16.85 -30.99
CA ARG C 13 -21.95 16.27 -31.64
C ARG C 13 -22.32 14.92 -31.03
N LYS C 14 -21.32 14.06 -30.80
CA LYS C 14 -21.58 12.76 -30.18
C LYS C 14 -22.12 12.92 -28.77
N LEU C 15 -21.60 13.89 -28.02
CA LEU C 15 -22.11 14.16 -26.68
C LEU C 15 -23.56 14.62 -26.73
N VAL C 16 -23.86 15.57 -27.62
CA VAL C 16 -25.24 16.04 -27.79
C VAL C 16 -26.16 14.87 -28.16
N GLU C 17 -25.74 14.01 -29.08
CA GLU C 17 -26.56 12.87 -29.48
C GLU C 17 -26.79 11.91 -28.32
N GLN C 18 -25.76 11.67 -27.50
CA GLN C 18 -25.93 10.84 -26.32
C GLN C 18 -26.92 11.46 -25.33
N LEU C 19 -26.78 12.76 -25.07
CA LEU C 19 -27.72 13.42 -24.17
C LEU C 19 -29.13 13.46 -24.72
N LYS C 20 -29.28 13.52 -26.04
CA LYS C 20 -30.59 13.36 -26.67
C LYS C 20 -31.18 11.98 -26.46
N MET C 21 -30.34 10.94 -26.54
CA MET C 21 -30.81 9.58 -26.29
C MET C 21 -31.17 9.36 -24.82
N GLU C 22 -30.42 9.98 -23.91
CA GLU C 22 -30.74 9.89 -22.48
C GLU C 22 -31.98 10.69 -22.11
N ALA C 23 -32.16 11.87 -22.72
CA ALA C 23 -33.34 12.69 -22.46
C ALA C 23 -34.64 11.94 -22.72
N ASN C 24 -34.71 11.22 -23.85
CA ASN C 24 -35.96 10.66 -24.32
C ASN C 24 -36.39 9.37 -23.63
N ILE C 25 -35.60 8.82 -22.70
CA ILE C 25 -36.00 7.58 -22.06
C ILE C 25 -37.24 7.80 -21.19
N ASP C 26 -38.02 6.74 -21.03
CA ASP C 26 -39.08 6.72 -20.03
C ASP C 26 -38.52 6.57 -18.63
N ARG C 27 -38.99 7.40 -17.70
CA ARG C 27 -38.60 7.33 -16.30
C ARG C 27 -39.81 7.01 -15.43
N ILE C 28 -39.63 6.11 -14.47
CA ILE C 28 -40.63 5.87 -13.45
C ILE C 28 -40.34 6.77 -12.25
N LYS C 29 -41.35 6.96 -11.41
CA LYS C 29 -41.15 7.72 -10.19
C LYS C 29 -40.17 7.01 -9.27
N VAL C 30 -39.38 7.81 -8.54
CA VAL C 30 -38.50 7.33 -7.48
C VAL C 30 -39.27 6.51 -6.44
N SER C 31 -40.52 6.87 -6.19
CA SER C 31 -41.34 6.08 -5.28
C SER C 31 -41.61 4.67 -5.79
N LYS C 32 -41.88 4.52 -7.09
CA LYS C 32 -42.08 3.19 -7.65
C LYS C 32 -40.80 2.38 -7.68
N ALA C 33 -39.67 3.01 -8.04
CA ALA C 33 -38.37 2.35 -7.94
C ALA C 33 -38.07 1.88 -6.52
N ALA C 34 -38.16 2.78 -5.55
CA ALA C 34 -37.96 2.42 -4.15
C ALA C 34 -38.91 1.31 -3.70
N ALA C 35 -40.17 1.35 -4.12
CA ALA C 35 -41.11 0.31 -3.75
C ALA C 35 -40.73 -1.04 -4.35
N ASP C 36 -40.24 -1.05 -5.59
CA ASP C 36 -39.81 -2.33 -6.19
C ASP C 36 -38.56 -2.88 -5.52
N LEU C 37 -37.62 -2.00 -5.14
CA LEU C 37 -36.46 -2.46 -4.39
C LEU C 37 -36.83 -3.00 -3.01
N MET C 38 -37.70 -2.29 -2.30
CA MET C 38 -38.19 -2.74 -1.01
C MET C 38 -38.92 -4.08 -1.11
N ALA C 39 -39.82 -4.21 -2.07
CA ALA C 39 -40.51 -5.49 -2.30
C ALA C 39 -39.55 -6.61 -2.66
N TYR C 40 -38.51 -6.35 -3.44
CA TYR C 40 -37.50 -7.37 -3.69
C TYR C 40 -36.79 -7.78 -2.41
N CYS C 41 -36.35 -6.81 -1.60
CA CYS C 41 -35.71 -7.14 -0.33
C CYS C 41 -36.62 -7.95 0.58
N GLU C 42 -37.87 -7.51 0.74
CA GLU C 42 -38.84 -8.24 1.56
C GLU C 42 -39.10 -9.66 1.04
N ALA C 43 -39.18 -9.83 -0.28
CA ALA C 43 -39.43 -11.15 -0.83
C ALA C 43 -38.27 -12.11 -0.68
N HIS C 44 -37.04 -11.61 -0.51
CA HIS C 44 -35.86 -12.45 -0.46
C HIS C 44 -35.13 -12.42 0.88
N ALA C 45 -35.66 -11.73 1.89
CA ALA C 45 -34.99 -11.62 3.18
C ALA C 45 -34.81 -12.99 3.83
N LYS C 46 -35.77 -13.89 3.66
CA LYS C 46 -35.64 -15.26 4.15
C LYS C 46 -34.58 -16.04 3.39
N GLU C 47 -34.22 -15.61 2.19
CA GLU C 47 -33.33 -16.31 1.29
C GLU C 47 -31.90 -15.77 1.34
N ASP C 48 -31.59 -14.90 2.30
CA ASP C 48 -30.31 -14.22 2.38
C ASP C 48 -29.58 -14.61 3.65
N PRO C 49 -28.54 -15.45 3.57
CA PRO C 49 -27.83 -15.88 4.78
C PRO C 49 -27.07 -14.79 5.49
N LEU C 50 -26.65 -13.71 4.83
CA LEU C 50 -25.93 -12.65 5.53
C LEU C 50 -26.89 -11.82 6.37
N LEU C 51 -28.06 -11.50 5.83
CA LEU C 51 -29.07 -10.76 6.58
C LEU C 51 -29.63 -11.61 7.72
N THR C 52 -29.92 -12.88 7.42
CA THR C 52 -30.63 -13.78 8.34
C THR C 52 -29.79 -15.03 8.49
N PRO C 53 -28.77 -14.98 9.37
CA PRO C 53 -27.81 -16.07 9.47
C PRO C 53 -28.45 -17.45 9.62
N VAL C 54 -28.01 -18.38 8.78
CA VAL C 54 -28.47 -19.76 8.81
C VAL C 54 -27.92 -20.47 10.03
N PRO C 55 -28.56 -21.56 10.48
CA PRO C 55 -27.96 -22.41 11.51
C PRO C 55 -26.58 -22.92 11.12
N ALA C 56 -25.74 -23.10 12.13
CA ALA C 56 -24.37 -23.58 11.91
C ALA C 56 -24.33 -24.94 11.23
N SER C 57 -25.40 -25.73 11.32
CA SER C 57 -25.42 -27.01 10.63
C SER C 57 -25.58 -26.83 9.12
N GLU C 58 -26.16 -25.73 8.69
CA GLU C 58 -26.32 -25.41 7.28
C GLU C 58 -25.13 -24.66 6.72
N ASN C 59 -24.50 -23.82 7.53
CA ASN C 59 -23.37 -23.01 7.11
C ASN C 59 -22.19 -23.87 6.69
N PRO C 60 -21.76 -23.79 5.43
CA PRO C 60 -20.57 -24.56 5.00
C PRO C 60 -19.28 -24.09 5.65
N PHE C 61 -19.20 -22.82 6.03
CA PHE C 61 -18.00 -22.22 6.59
C PHE C 61 -17.95 -22.31 8.10
N ARG C 62 -18.73 -23.21 8.70
CA ARG C 62 -18.72 -23.40 10.14
C ARG C 62 -17.35 -23.84 10.62
N GLU C 63 -17.10 -23.64 11.92
CA GLU C 63 -15.81 -23.96 12.51
C GLU C 63 -15.62 -25.47 12.61
N GLN D 3 -24.13 17.34 -10.76
CA GLN D 3 -22.85 16.70 -11.03
C GLN D 3 -21.70 17.69 -10.90
N VAL D 4 -20.48 17.14 -10.80
CA VAL D 4 -19.28 17.96 -10.66
C VAL D 4 -19.09 18.81 -11.90
N GLN D 5 -19.29 20.12 -11.76
CA GLN D 5 -18.99 21.05 -12.84
C GLN D 5 -18.28 22.27 -12.29
N LEU D 6 -17.27 22.73 -13.03
CA LEU D 6 -16.48 23.89 -12.68
C LEU D 6 -16.60 24.91 -13.80
N GLN D 7 -16.91 26.16 -13.45
CA GLN D 7 -17.26 27.17 -14.44
C GLN D 7 -16.45 28.44 -14.21
N GLU D 8 -15.32 28.55 -14.91
CA GLU D 8 -14.46 29.71 -14.80
C GLU D 8 -15.10 30.92 -15.45
N SER D 9 -14.75 32.10 -14.95
CA SER D 9 -15.31 33.34 -15.46
C SER D 9 -14.33 34.48 -15.14
N GLY D 10 -14.54 35.61 -15.80
CA GLY D 10 -13.72 36.78 -15.61
C GLY D 10 -12.55 36.91 -16.57
N GLY D 11 -12.24 35.85 -17.33
CA GLY D 11 -11.17 35.93 -18.29
C GLY D 11 -11.55 36.76 -19.51
N GLY D 12 -10.57 37.48 -20.03
CA GLY D 12 -10.79 38.27 -21.22
C GLY D 12 -9.49 38.89 -21.71
N LEU D 13 -9.63 39.85 -22.62
CA LEU D 13 -8.48 40.63 -23.05
C LEU D 13 -8.07 41.61 -21.96
N VAL D 14 -6.76 41.77 -21.79
CA VAL D 14 -6.22 42.78 -20.89
C VAL D 14 -4.95 43.37 -21.50
N GLN D 15 -4.69 44.63 -21.20
CA GLN D 15 -3.42 45.23 -21.53
C GLN D 15 -2.30 44.56 -20.73
N PRO D 16 -1.09 44.47 -21.30
CA PRO D 16 0.06 44.04 -20.50
C PRO D 16 0.22 44.90 -19.25
N GLY D 17 0.53 44.24 -18.14
CA GLY D 17 0.56 44.88 -16.84
C GLY D 17 -0.79 45.07 -16.20
N GLY D 18 -1.88 44.78 -16.91
CA GLY D 18 -3.21 44.86 -16.35
C GLY D 18 -3.49 43.71 -15.40
N SER D 19 -4.68 43.77 -14.79
CA SER D 19 -5.06 42.80 -13.78
C SER D 19 -6.43 42.22 -14.10
N LEU D 20 -6.58 40.92 -13.87
CA LEU D 20 -7.86 40.23 -13.96
C LEU D 20 -8.03 39.35 -12.74
N ARG D 21 -9.24 39.32 -12.18
CA ARG D 21 -9.65 38.25 -11.28
C ARG D 21 -10.42 37.20 -12.08
N LEU D 22 -9.86 36.00 -12.17
CA LEU D 22 -10.62 34.84 -12.58
C LEU D 22 -11.42 34.31 -11.40
N SER D 23 -12.58 33.73 -11.71
CA SER D 23 -13.44 33.15 -10.69
C SER D 23 -14.10 31.91 -11.24
N CYS D 24 -13.99 30.81 -10.50
CA CYS D 24 -14.66 29.55 -10.81
C CYS D 24 -15.79 29.32 -9.83
N ALA D 25 -17.00 29.11 -10.33
CA ALA D 25 -18.09 28.62 -9.53
C ALA D 25 -18.05 27.09 -9.55
N ALA D 26 -17.91 26.49 -8.37
CA ALA D 26 -17.88 25.05 -8.22
C ALA D 26 -19.23 24.54 -7.76
N SER D 27 -19.73 23.49 -8.43
CA SER D 27 -21.02 22.93 -8.11
C SER D 27 -20.92 21.40 -8.12
N GLY D 28 -21.72 20.76 -7.28
CA GLY D 28 -21.82 19.32 -7.24
C GLY D 28 -20.78 18.59 -6.43
N PHE D 29 -19.98 19.29 -5.64
CA PHE D 29 -19.08 18.62 -4.70
C PHE D 29 -18.91 19.51 -3.47
N THR D 30 -18.54 18.87 -2.36
CA THR D 30 -18.22 19.59 -1.12
C THR D 30 -16.88 20.29 -1.27
N PHE D 31 -16.91 21.43 -1.96
CA PHE D 31 -15.77 22.24 -2.37
C PHE D 31 -14.76 22.40 -1.24
N SER D 32 -15.26 22.62 -0.02
CA SER D 32 -14.42 22.74 1.16
C SER D 32 -13.48 21.56 1.36
N ASN D 33 -13.87 20.36 0.94
CA ASN D 33 -13.07 19.16 1.14
C ASN D 33 -11.99 18.95 0.08
N TYR D 34 -12.00 19.69 -1.02
CA TYR D 34 -11.11 19.43 -2.14
C TYR D 34 -10.06 20.53 -2.25
N LYS D 35 -8.81 20.11 -2.37
CA LYS D 35 -7.74 21.01 -2.79
C LYS D 35 -7.99 21.45 -4.22
N MET D 36 -7.85 22.75 -4.47
CA MET D 36 -8.20 23.33 -5.76
C MET D 36 -6.95 23.84 -6.45
N ASN D 37 -7.03 23.94 -7.77
CA ASN D 37 -5.91 24.39 -8.58
C ASN D 37 -6.41 25.31 -9.67
N TRP D 38 -5.51 26.15 -10.17
CA TRP D 38 -5.60 26.70 -11.51
C TRP D 38 -4.56 26.08 -12.41
N VAL D 39 -4.98 25.77 -13.63
CA VAL D 39 -4.16 25.17 -14.66
C VAL D 39 -4.38 25.95 -15.95
N ARG D 40 -3.34 26.15 -16.74
CA ARG D 40 -3.45 26.93 -17.96
C ARG D 40 -2.78 26.22 -19.12
N GLN D 41 -3.33 26.42 -20.31
CA GLN D 41 -2.72 26.00 -21.56
C GLN D 41 -2.48 27.22 -22.43
N ALA D 42 -1.22 27.63 -22.54
CA ALA D 42 -0.86 28.65 -23.50
C ALA D 42 -0.95 28.10 -24.91
N PRO D 43 -1.35 28.93 -25.89
CA PRO D 43 -1.77 28.38 -27.18
C PRO D 43 -0.72 27.55 -27.89
N GLY D 44 0.56 27.83 -27.66
CA GLY D 44 1.63 27.15 -28.35
C GLY D 44 2.24 25.97 -27.63
N LYS D 45 1.75 25.63 -26.43
CA LYS D 45 2.42 24.66 -25.59
C LYS D 45 1.38 23.78 -24.90
N GLY D 46 1.89 22.75 -24.22
CA GLY D 46 1.06 21.88 -23.42
C GLY D 46 0.43 22.55 -22.23
N LEU D 47 -0.51 21.84 -21.62
CA LEU D 47 -1.18 22.31 -20.42
C LEU D 47 -0.22 22.32 -19.24
N GLU D 48 -0.28 23.39 -18.43
CA GLU D 48 0.67 23.57 -17.34
C GLU D 48 -0.05 24.05 -16.09
N TRP D 49 0.37 23.54 -14.94
CA TRP D 49 -0.16 23.95 -13.64
C TRP D 49 0.27 25.37 -13.31
N VAL D 50 -0.56 26.06 -12.52
CA VAL D 50 -0.36 27.48 -12.23
C VAL D 50 -0.31 27.77 -10.74
N SER D 51 -1.30 27.26 -10.01
CA SER D 51 -1.33 27.45 -8.57
C SER D 51 -2.24 26.40 -7.95
N ASP D 52 -2.10 26.23 -6.64
CA ASP D 52 -2.94 25.34 -5.86
C ASP D 52 -3.32 25.98 -4.53
N ILE D 53 -4.37 25.46 -3.93
CA ILE D 53 -4.85 25.94 -2.63
C ILE D 53 -5.46 24.77 -1.87
N SER D 54 -5.02 24.60 -0.62
CA SER D 54 -5.53 23.56 0.24
C SER D 54 -7.00 23.80 0.60
N GLN D 55 -7.58 22.79 1.24
CA GLN D 55 -8.97 22.84 1.69
C GLN D 55 -9.30 24.13 2.42
N SER D 56 -8.39 24.61 3.27
CA SER D 56 -8.58 25.81 4.06
C SER D 56 -7.90 27.05 3.48
N GLY D 57 -7.01 26.89 2.51
CA GLY D 57 -6.11 27.95 2.14
C GLY D 57 -4.89 28.11 3.02
N ALA D 58 -4.73 27.22 4.01
CA ALA D 58 -3.56 27.24 4.86
C ALA D 58 -2.30 26.88 4.11
N SER D 59 -2.42 26.16 3.00
CA SER D 59 -1.30 25.87 2.12
C SER D 59 -1.63 26.35 0.71
N ILE D 60 -0.68 27.06 0.11
CA ILE D 60 -0.83 27.69 -1.20
C ILE D 60 0.51 27.56 -1.90
N SER D 61 0.50 27.41 -3.22
CA SER D 61 1.73 27.45 -3.98
C SER D 61 1.48 27.91 -5.41
N TYR D 62 2.56 28.25 -6.10
CA TYR D 62 2.53 28.90 -7.40
C TYR D 62 3.68 28.36 -8.24
N THR D 63 3.57 28.55 -9.54
CA THR D 63 4.74 28.47 -10.40
C THR D 63 5.61 29.73 -10.28
N GLY D 64 6.87 29.58 -10.64
CA GLY D 64 7.80 30.70 -10.56
C GLY D 64 7.44 31.86 -11.47
N SER D 65 6.75 31.58 -12.57
CA SER D 65 6.19 32.65 -13.39
C SER D 65 5.16 33.46 -12.61
N VAL D 66 4.55 32.87 -11.59
CA VAL D 66 3.33 33.38 -10.99
C VAL D 66 3.55 33.88 -9.56
N LYS D 67 4.61 33.43 -8.89
CA LYS D 67 4.70 33.47 -7.43
C LYS D 67 4.28 34.80 -6.83
N GLY D 68 4.85 35.90 -7.30
CA GLY D 68 4.47 37.21 -6.81
C GLY D 68 3.26 37.84 -7.48
N ARG D 69 3.01 37.45 -8.72
CA ARG D 69 2.05 38.18 -9.56
C ARG D 69 0.61 37.79 -9.26
N PHE D 70 0.32 36.50 -9.16
CA PHE D 70 -1.04 36.03 -8.92
C PHE D 70 -1.18 35.54 -7.49
N THR D 71 -2.37 35.73 -6.92
CA THR D 71 -2.76 35.08 -5.68
C THR D 71 -4.01 34.24 -5.90
N ILE D 72 -3.95 32.99 -5.45
CA ILE D 72 -5.08 32.08 -5.44
C ILE D 72 -5.81 32.19 -4.11
N SER D 73 -7.14 32.23 -4.16
CA SER D 73 -7.93 32.26 -2.94
C SER D 73 -9.25 31.55 -3.18
N ARG D 74 -9.90 31.15 -2.09
CA ARG D 74 -11.15 30.42 -2.16
C ARG D 74 -12.11 30.98 -1.13
N ASP D 75 -13.38 31.05 -1.50
CA ASP D 75 -14.47 31.32 -0.58
C ASP D 75 -15.29 30.03 -0.48
N ASN D 76 -15.03 29.26 0.58
CA ASN D 76 -15.73 27.98 0.76
C ASN D 76 -17.21 28.20 1.04
N ALA D 77 -17.58 29.35 1.59
CA ALA D 77 -18.99 29.65 1.80
C ALA D 77 -19.73 29.90 0.50
N LYS D 78 -19.04 30.37 -0.54
CA LYS D 78 -19.67 30.61 -1.83
C LYS D 78 -19.27 29.54 -2.85
N ASN D 79 -18.57 28.50 -2.41
CA ASN D 79 -18.09 27.43 -3.29
C ASN D 79 -17.41 27.97 -4.54
N THR D 80 -16.47 28.89 -4.34
CA THR D 80 -15.89 29.61 -5.46
C THR D 80 -14.40 29.82 -5.24
N LEU D 81 -13.64 29.70 -6.32
CA LEU D 81 -12.19 29.84 -6.33
C LEU D 81 -11.80 31.06 -7.15
N TYR D 82 -10.86 31.85 -6.64
CA TYR D 82 -10.39 33.03 -7.34
C TYR D 82 -8.93 32.88 -7.74
N LEU D 83 -8.55 33.58 -8.81
CA LEU D 83 -7.15 33.83 -9.15
C LEU D 83 -7.02 35.32 -9.47
N GLN D 84 -6.52 36.08 -8.51
CA GLN D 84 -6.21 37.50 -8.70
C GLN D 84 -4.91 37.61 -9.49
N MET D 85 -5.03 37.64 -10.81
CA MET D 85 -3.86 37.77 -11.69
C MET D 85 -3.48 39.23 -11.83
N ASN D 86 -2.50 39.67 -11.04
CA ASN D 86 -1.92 40.99 -11.20
C ASN D 86 -0.77 40.95 -12.19
N SER D 87 -0.49 42.12 -12.78
CA SER D 87 0.70 42.35 -13.59
C SER D 87 0.84 41.30 -14.69
N LEU D 88 -0.23 41.10 -15.44
CA LEU D 88 -0.24 40.10 -16.49
C LEU D 88 0.76 40.42 -17.59
N LYS D 89 1.48 39.41 -18.03
CA LYS D 89 2.45 39.47 -19.09
C LYS D 89 1.94 38.76 -20.33
N PRO D 90 2.50 39.05 -21.51
CA PRO D 90 2.19 38.24 -22.69
C PRO D 90 2.48 36.76 -22.51
N GLU D 91 3.40 36.40 -21.61
CA GLU D 91 3.62 35.00 -21.26
C GLU D 91 2.37 34.36 -20.69
N ASP D 92 1.50 35.15 -20.05
CA ASP D 92 0.33 34.63 -19.35
C ASP D 92 -0.87 34.37 -20.24
N THR D 93 -0.82 34.71 -21.53
CA THR D 93 -1.97 34.45 -22.37
C THR D 93 -2.18 32.94 -22.51
N ALA D 94 -3.32 32.47 -22.02
CA ALA D 94 -3.63 31.04 -21.98
C ALA D 94 -5.12 30.89 -21.71
N VAL D 95 -5.64 29.72 -22.07
CA VAL D 95 -6.87 29.26 -21.46
C VAL D 95 -6.55 28.80 -20.04
N TYR D 96 -7.13 29.49 -19.06
CA TYR D 96 -7.00 29.10 -17.66
C TYR D 96 -8.14 28.20 -17.24
N TYR D 97 -7.79 27.06 -16.65
CA TYR D 97 -8.75 26.07 -16.19
C TYR D 97 -8.64 25.94 -14.69
N CYS D 98 -9.79 25.93 -14.02
CA CYS D 98 -9.86 25.57 -12.62
C CYS D 98 -10.00 24.07 -12.51
N ALA D 99 -9.07 23.43 -11.81
CA ALA D 99 -9.02 21.98 -11.69
C ALA D 99 -9.12 21.59 -10.23
N ARG D 100 -10.18 20.86 -9.90
CA ARG D 100 -10.29 20.21 -8.60
C ARG D 100 -9.30 19.06 -8.52
N CYS D 101 -8.82 18.78 -7.31
CA CYS D 101 -8.13 17.53 -7.05
C CYS D 101 -9.12 16.37 -7.12
N PRO D 102 -8.63 15.16 -7.41
CA PRO D 102 -9.54 14.03 -7.60
C PRO D 102 -10.31 13.67 -6.34
N ALA D 103 -9.61 13.43 -5.27
CA ALA D 103 -10.24 12.95 -4.05
C ALA D 103 -10.32 14.06 -3.02
N PRO D 104 -11.31 14.04 -2.14
CA PRO D 104 -11.29 14.97 -1.00
C PRO D 104 -10.19 14.62 -0.03
N PHE D 105 -10.00 15.50 0.95
CA PHE D 105 -9.18 15.24 2.14
C PHE D 105 -7.75 14.86 1.82
N THR D 106 -7.25 15.21 0.64
CA THR D 106 -5.96 14.69 0.17
C THR D 106 -5.20 15.79 -0.55
N ARG D 107 -3.90 15.57 -0.69
CA ARG D 107 -2.97 16.57 -1.19
C ARG D 107 -2.11 16.07 -2.34
N ASP D 108 -2.54 15.02 -3.04
CA ASP D 108 -1.67 14.38 -4.03
C ASP D 108 -1.72 15.04 -5.40
N CYS D 109 -2.70 15.92 -5.65
CA CYS D 109 -2.74 16.79 -6.83
C CYS D 109 -2.60 16.04 -8.16
N PHE D 110 -2.82 14.73 -8.19
CA PHE D 110 -2.58 13.99 -9.43
C PHE D 110 -3.51 14.44 -10.54
N ASP D 111 -3.02 14.31 -11.78
CA ASP D 111 -3.75 14.35 -13.04
C ASP D 111 -4.36 15.71 -13.39
N VAL D 112 -4.22 16.73 -12.54
CA VAL D 112 -4.88 18.00 -12.83
C VAL D 112 -4.36 18.63 -14.10
N THR D 113 -3.14 18.29 -14.50
CA THR D 113 -2.51 18.79 -15.72
C THR D 113 -2.72 17.85 -16.91
N SER D 114 -3.51 16.79 -16.75
CA SER D 114 -3.67 15.82 -17.82
C SER D 114 -4.44 16.39 -19.00
N THR D 115 -4.09 15.89 -20.19
CA THR D 115 -4.71 16.33 -21.44
C THR D 115 -6.23 16.21 -21.40
N THR D 116 -6.75 15.21 -20.71
CA THR D 116 -8.14 15.20 -20.30
C THR D 116 -8.24 14.80 -18.83
N TYR D 117 -9.13 15.48 -18.12
CA TYR D 117 -9.31 15.29 -16.70
C TYR D 117 -10.74 15.67 -16.36
N ALA D 118 -11.37 14.88 -15.51
CA ALA D 118 -12.81 15.02 -15.32
C ALA D 118 -13.15 16.28 -14.53
N TYR D 119 -12.38 16.58 -13.48
CA TYR D 119 -12.78 17.57 -12.49
C TYR D 119 -12.17 18.93 -12.78
N ARG D 120 -12.24 19.33 -14.05
CA ARG D 120 -11.67 20.58 -14.51
C ARG D 120 -12.69 21.27 -15.41
N GLY D 121 -12.79 22.60 -15.28
CA GLY D 121 -13.75 23.34 -16.05
C GLY D 121 -13.36 23.46 -17.51
N GLN D 122 -14.24 24.11 -18.28
CA GLN D 122 -13.98 24.32 -19.70
C GLN D 122 -12.95 25.41 -19.95
N GLY D 123 -12.63 26.19 -18.94
CA GLY D 123 -11.57 27.17 -19.02
C GLY D 123 -12.03 28.52 -19.53
N THR D 124 -11.30 29.55 -19.14
CA THR D 124 -11.55 30.92 -19.58
C THR D 124 -10.32 31.45 -20.30
N GLN D 125 -10.50 31.92 -21.53
CA GLN D 125 -9.38 32.45 -22.29
C GLN D 125 -8.96 33.79 -21.70
N VAL D 126 -7.67 33.91 -21.39
CA VAL D 126 -7.06 35.18 -21.01
C VAL D 126 -6.06 35.54 -22.09
N THR D 127 -6.27 36.70 -22.72
CA THR D 127 -5.32 37.26 -23.68
C THR D 127 -4.74 38.55 -23.12
N VAL D 128 -3.44 38.73 -23.30
CA VAL D 128 -2.75 39.84 -22.68
C VAL D 128 -2.17 40.77 -23.74
N GLU E 8 -20.63 24.93 -34.64
CA GLU E 8 -19.86 25.64 -33.63
C GLU E 8 -19.87 24.89 -32.30
N LEU E 9 -18.68 24.65 -31.76
CA LEU E 9 -18.59 23.94 -30.48
C LEU E 9 -19.25 24.73 -29.35
N ASP E 10 -19.21 26.06 -29.40
CA ASP E 10 -19.95 26.86 -28.43
C ASP E 10 -21.44 26.57 -28.49
N GLN E 11 -22.00 26.45 -29.70
CA GLN E 11 -23.42 26.16 -29.83
C GLN E 11 -23.72 24.73 -29.40
N LEU E 12 -22.84 23.78 -29.73
CA LEU E 12 -23.01 22.42 -29.28
C LEU E 12 -22.88 22.30 -27.76
N ARG E 13 -21.92 23.02 -27.17
CA ARG E 13 -21.85 23.11 -25.72
C ARG E 13 -23.14 23.68 -25.11
N GLN E 14 -23.72 24.70 -25.74
CA GLN E 14 -24.97 25.26 -25.23
C GLN E 14 -26.11 24.26 -25.34
N GLU E 15 -26.15 23.49 -26.42
CA GLU E 15 -27.19 22.46 -26.55
C GLU E 15 -26.98 21.33 -25.55
N ALA E 16 -25.73 21.00 -25.25
CA ALA E 16 -25.45 20.02 -24.20
C ALA E 16 -25.88 20.51 -22.83
N GLU E 17 -25.66 21.80 -22.54
CA GLU E 17 -26.19 22.39 -21.32
C GLU E 17 -27.72 22.35 -21.27
N GLN E 18 -28.37 22.66 -22.40
CA GLN E 18 -29.82 22.60 -22.48
C GLN E 18 -30.34 21.18 -22.23
N LEU E 19 -29.71 20.18 -22.84
CA LEU E 19 -30.12 18.79 -22.61
C LEU E 19 -29.82 18.31 -21.19
N LYS E 20 -28.69 18.73 -20.62
CA LYS E 20 -28.42 18.43 -19.22
C LYS E 20 -29.46 19.03 -18.29
N ASN E 21 -29.89 20.26 -18.56
CA ASN E 21 -30.98 20.87 -17.81
C ASN E 21 -32.29 20.11 -17.99
N GLN E 22 -32.62 19.74 -19.22
CA GLN E 22 -33.83 18.97 -19.48
C GLN E 22 -33.82 17.62 -18.74
N ILE E 23 -32.68 16.93 -18.76
CA ILE E 23 -32.53 15.67 -18.03
C ILE E 23 -32.67 15.89 -16.51
N ARG E 24 -32.00 16.91 -15.98
CA ARG E 24 -32.14 17.21 -14.55
C ARG E 24 -33.57 17.53 -14.15
N ASP E 25 -34.28 18.30 -14.98
CA ASP E 25 -35.70 18.57 -14.76
C ASP E 25 -36.54 17.30 -14.80
N ALA E 26 -36.28 16.40 -15.76
CA ALA E 26 -37.01 15.14 -15.80
C ALA E 26 -36.72 14.27 -14.58
N ARG E 27 -35.46 14.22 -14.14
CA ARG E 27 -35.12 13.55 -12.88
C ARG E 27 -35.89 14.14 -11.71
N LYS E 28 -35.86 15.45 -11.56
CA LYS E 28 -36.54 16.10 -10.43
C LYS E 28 -38.05 15.89 -10.47
N ALA E 29 -38.65 15.85 -11.67
CA ALA E 29 -40.06 15.51 -11.79
C ALA E 29 -40.35 14.09 -11.32
N CYS E 30 -39.39 13.19 -11.42
CA CYS E 30 -39.55 11.83 -10.92
C CYS E 30 -39.23 11.67 -9.44
N ALA E 31 -38.67 12.69 -8.79
CA ALA E 31 -38.37 12.60 -7.36
C ALA E 31 -39.61 12.73 -6.50
N ASP E 32 -40.63 11.92 -6.79
CA ASP E 32 -41.90 11.97 -6.07
C ASP E 32 -41.70 11.88 -4.55
N ALA E 33 -40.92 10.91 -4.11
CA ALA E 33 -40.55 10.78 -2.70
C ALA E 33 -39.23 10.03 -2.61
N THR E 34 -38.49 10.27 -1.54
CA THR E 34 -37.19 9.65 -1.40
C THR E 34 -37.30 8.22 -0.86
N LEU E 35 -36.25 7.45 -1.12
CA LEU E 35 -36.13 6.10 -0.56
C LEU E 35 -36.13 6.11 0.97
N SER E 36 -35.43 7.08 1.58
CA SER E 36 -35.41 7.19 3.03
C SER E 36 -36.81 7.36 3.60
N GLN E 37 -37.64 8.18 2.95
CA GLN E 37 -39.03 8.34 3.38
C GLN E 37 -39.82 7.04 3.27
N ILE E 38 -39.67 6.32 2.16
CA ILE E 38 -40.39 5.05 1.98
C ILE E 38 -39.90 3.98 2.95
N THR E 39 -38.63 4.00 3.34
CA THR E 39 -38.06 2.98 4.21
C THR E 39 -37.93 3.43 5.66
N ASN E 40 -38.48 4.59 6.01
CA ASN E 40 -38.51 5.00 7.41
C ASN E 40 -39.23 4.01 8.30
N ASN E 41 -40.27 3.35 7.78
CA ASN E 41 -41.10 2.46 8.58
C ASN E 41 -40.86 0.97 8.30
N ILE E 42 -39.82 0.61 7.55
CA ILE E 42 -39.36 -0.77 7.53
C ILE E 42 -38.48 -1.04 8.74
N ASP E 43 -38.54 -2.26 9.25
CA ASP E 43 -37.79 -2.62 10.44
C ASP E 43 -36.28 -2.57 10.16
N PRO E 44 -35.49 -2.06 11.10
CA PRO E 44 -34.04 -2.02 10.88
C PRO E 44 -33.43 -3.41 10.78
N VAL E 45 -32.34 -3.49 10.01
CA VAL E 45 -31.56 -4.73 9.88
C VAL E 45 -30.96 -5.17 11.22
N GLY E 46 -30.70 -4.22 12.10
CA GLY E 46 -29.99 -4.52 13.33
C GLY E 46 -28.49 -4.70 13.15
N ARG E 47 -27.84 -5.15 14.22
CA ARG E 47 -26.40 -5.32 14.23
C ARG E 47 -26.03 -6.63 13.56
N ILE E 48 -25.48 -6.53 12.35
CA ILE E 48 -24.93 -7.68 11.64
C ILE E 48 -23.48 -7.88 12.08
N GLN E 49 -23.30 -8.78 13.04
CA GLN E 49 -21.96 -9.28 13.36
C GLN E 49 -21.60 -10.40 12.40
N MET E 50 -20.43 -10.27 11.77
CA MET E 50 -19.87 -11.35 10.98
C MET E 50 -18.49 -11.72 11.48
N ARG E 51 -18.17 -13.01 11.40
CA ARG E 51 -16.92 -13.56 11.85
C ARG E 51 -16.10 -14.00 10.65
N THR E 52 -14.79 -13.82 10.73
CA THR E 52 -13.88 -14.39 9.75
C THR E 52 -13.86 -15.90 9.90
N ARG E 53 -14.55 -16.58 8.99
CA ARG E 53 -14.62 -18.03 9.00
C ARG E 53 -13.38 -18.67 8.40
N ARG E 54 -12.77 -18.01 7.44
CA ARG E 54 -11.53 -18.44 6.82
C ARG E 54 -10.67 -17.23 6.56
N THR E 55 -9.38 -17.33 6.89
CA THR E 55 -8.38 -16.42 6.35
C THR E 55 -7.53 -17.21 5.35
N LEU E 56 -7.68 -16.87 4.08
CA LEU E 56 -6.92 -17.50 2.99
C LEU E 56 -5.61 -16.76 2.83
N ARG E 57 -4.51 -17.40 3.22
CA ARG E 57 -3.18 -16.82 3.19
C ARG E 57 -2.25 -17.65 2.32
N GLY E 58 -1.46 -16.97 1.50
CA GLY E 58 -0.67 -17.63 0.48
C GLY E 58 -0.26 -16.69 -0.64
N HIS E 59 -1.05 -15.64 -0.87
CA HIS E 59 -0.58 -14.53 -1.67
C HIS E 59 0.58 -13.80 -0.99
N LEU E 60 1.57 -13.43 -1.78
CA LEU E 60 2.78 -12.78 -1.29
C LEU E 60 2.64 -11.26 -1.23
N ALA E 61 1.92 -10.68 -2.19
CA ALA E 61 1.73 -9.24 -2.30
C ALA E 61 0.29 -8.89 -1.94
N LYS E 62 -0.04 -7.61 -2.10
CA LYS E 62 -1.41 -7.17 -1.97
C LYS E 62 -2.33 -7.88 -2.96
N ILE E 63 -3.46 -8.39 -2.45
CA ILE E 63 -4.53 -8.87 -3.30
C ILE E 63 -5.25 -7.69 -3.91
N TYR E 64 -5.43 -7.73 -5.23
CA TYR E 64 -6.05 -6.62 -5.94
C TYR E 64 -7.46 -6.91 -6.43
N ALA E 65 -7.80 -8.16 -6.69
CA ALA E 65 -9.15 -8.49 -7.12
C ALA E 65 -9.54 -9.87 -6.64
N MET E 66 -10.86 -10.08 -6.56
CA MET E 66 -11.47 -11.37 -6.32
C MET E 66 -12.56 -11.62 -7.35
N HIS E 67 -12.90 -12.89 -7.54
CA HIS E 67 -14.23 -13.23 -7.99
C HIS E 67 -14.60 -14.59 -7.42
N TRP E 68 -15.83 -14.72 -6.93
CA TRP E 68 -16.40 -16.00 -6.58
C TRP E 68 -16.81 -16.77 -7.83
N GLY E 69 -16.64 -18.08 -7.80
CA GLY E 69 -17.35 -18.92 -8.74
C GLY E 69 -18.85 -18.97 -8.49
N THR E 70 -19.59 -19.34 -9.53
CA THR E 70 -21.02 -19.54 -9.39
C THR E 70 -21.36 -20.70 -8.46
N ASP E 71 -20.44 -21.65 -8.31
CA ASP E 71 -20.58 -22.73 -7.34
C ASP E 71 -20.55 -22.25 -5.89
N SER E 72 -20.24 -20.98 -5.66
CA SER E 72 -20.19 -20.36 -4.34
C SER E 72 -19.20 -21.07 -3.41
N ARG E 73 -18.26 -21.81 -3.99
CA ARG E 73 -17.26 -22.55 -3.24
C ARG E 73 -15.84 -22.16 -3.63
N LEU E 74 -15.55 -22.14 -4.93
CA LEU E 74 -14.25 -21.76 -5.45
C LEU E 74 -14.15 -20.25 -5.58
N LEU E 75 -13.00 -19.72 -5.19
CA LEU E 75 -12.74 -18.28 -5.22
C LEU E 75 -11.40 -18.08 -5.91
N VAL E 76 -11.39 -17.24 -6.92
CA VAL E 76 -10.13 -16.75 -7.49
C VAL E 76 -9.74 -15.46 -6.78
N SER E 77 -8.44 -15.29 -6.57
CA SER E 77 -7.90 -14.02 -6.13
C SER E 77 -6.61 -13.71 -6.87
N ALA E 78 -6.45 -12.44 -7.23
CA ALA E 78 -5.31 -11.96 -7.99
C ALA E 78 -4.45 -11.09 -7.09
N SER E 79 -3.16 -11.38 -7.05
CA SER E 79 -2.23 -10.59 -6.26
C SER E 79 -1.09 -10.13 -7.14
N GLN E 80 -0.55 -8.97 -6.82
CA GLN E 80 0.48 -8.33 -7.63
C GLN E 80 1.86 -8.92 -7.41
N ASP E 81 1.93 -10.10 -6.81
CA ASP E 81 3.07 -10.99 -6.93
C ASP E 81 3.08 -11.76 -8.25
N GLY E 82 1.97 -11.71 -8.99
CA GLY E 82 1.83 -12.47 -10.21
C GLY E 82 1.35 -13.89 -10.02
N LYS E 83 0.64 -14.16 -8.91
CA LYS E 83 -0.05 -15.42 -8.71
C LYS E 83 -1.55 -15.15 -8.80
N LEU E 84 -2.23 -15.95 -9.59
CA LEU E 84 -3.68 -16.05 -9.56
C LEU E 84 -4.00 -17.37 -8.85
N ILE E 85 -4.46 -17.28 -7.60
CA ILE E 85 -4.75 -18.46 -6.80
C ILE E 85 -6.25 -18.71 -6.80
N ILE E 86 -6.63 -19.95 -7.02
CA ILE E 86 -8.00 -20.44 -6.88
C ILE E 86 -8.10 -21.23 -5.59
N TRP E 87 -9.07 -20.85 -4.76
CA TRP E 87 -9.21 -21.38 -3.42
C TRP E 87 -10.52 -22.16 -3.32
N ASP E 88 -10.44 -23.34 -2.72
CA ASP E 88 -11.62 -23.98 -2.15
C ASP E 88 -11.89 -23.33 -0.79
N SER E 89 -12.94 -22.51 -0.74
CA SER E 89 -13.27 -21.78 0.48
C SER E 89 -13.67 -22.70 1.62
N TYR E 90 -14.30 -23.83 1.32
CA TYR E 90 -14.73 -24.73 2.39
C TYR E 90 -13.54 -25.33 3.14
N THR E 91 -12.50 -25.73 2.41
CA THR E 91 -11.35 -26.40 3.00
C THR E 91 -10.14 -25.50 3.22
N THR E 92 -10.15 -24.28 2.66
CA THR E 92 -8.99 -23.41 2.45
C THR E 92 -7.98 -23.95 1.45
N ASN E 93 -8.24 -25.08 0.82
CA ASN E 93 -7.28 -25.66 -0.11
C ASN E 93 -7.09 -24.78 -1.33
N LYS E 94 -5.83 -24.68 -1.77
CA LYS E 94 -5.50 -24.06 -3.04
C LYS E 94 -5.68 -25.07 -4.17
N VAL E 95 -6.61 -24.78 -5.07
CA VAL E 95 -6.90 -25.66 -6.19
C VAL E 95 -5.98 -25.39 -7.36
N HIS E 96 -5.65 -24.11 -7.60
CA HIS E 96 -4.68 -23.74 -8.61
C HIS E 96 -3.89 -22.53 -8.12
N ALA E 97 -2.66 -22.41 -8.58
CA ALA E 97 -1.90 -21.17 -8.48
C ALA E 97 -1.22 -20.94 -9.83
N ILE E 98 -1.62 -19.89 -10.52
CA ILE E 98 -1.26 -19.69 -11.92
C ILE E 98 -0.18 -18.63 -12.00
N PRO E 99 0.99 -18.94 -12.57
CA PRO E 99 2.00 -17.90 -12.79
C PRO E 99 1.58 -16.96 -13.90
N LEU E 100 1.31 -15.71 -13.54
CA LEU E 100 0.96 -14.70 -14.52
C LEU E 100 2.20 -14.19 -15.25
N ARG E 101 2.02 -13.87 -16.53
CA ARG E 101 3.11 -13.31 -17.32
C ARG E 101 3.40 -11.87 -16.96
N SER E 102 2.48 -11.20 -16.27
CA SER E 102 2.72 -9.89 -15.70
C SER E 102 2.23 -9.88 -14.25
N SER E 103 3.08 -9.38 -13.36
CA SER E 103 2.72 -9.33 -11.94
C SER E 103 1.61 -8.33 -11.67
N TRP E 104 1.47 -7.31 -12.50
CA TRP E 104 0.64 -6.16 -12.15
C TRP E 104 -0.83 -6.38 -12.51
N VAL E 105 -1.33 -7.53 -12.09
CA VAL E 105 -2.74 -7.86 -12.23
C VAL E 105 -3.57 -6.93 -11.35
N MET E 106 -4.64 -6.38 -11.92
CA MET E 106 -5.56 -5.50 -11.22
C MET E 106 -6.97 -6.04 -11.17
N THR E 107 -7.32 -6.98 -12.05
CA THR E 107 -8.63 -7.58 -12.10
C THR E 107 -8.46 -9.07 -12.30
N CYS E 108 -9.37 -9.84 -11.74
CA CYS E 108 -9.60 -11.18 -12.25
C CYS E 108 -11.08 -11.49 -12.27
N ALA E 109 -11.44 -12.47 -13.10
CA ALA E 109 -12.81 -12.94 -13.23
C ALA E 109 -12.80 -14.45 -13.23
N TYR E 110 -13.85 -15.02 -12.63
CA TYR E 110 -14.16 -16.43 -12.75
C TYR E 110 -15.32 -16.61 -13.71
N ALA E 111 -15.16 -17.49 -14.70
CA ALA E 111 -16.25 -17.77 -15.61
C ALA E 111 -17.42 -18.41 -14.87
N PRO E 112 -18.65 -18.14 -15.30
CA PRO E 112 -19.80 -18.80 -14.66
C PRO E 112 -19.77 -20.31 -14.79
N SER E 113 -19.08 -20.85 -15.79
CA SER E 113 -18.93 -22.29 -15.95
C SER E 113 -17.83 -22.86 -15.06
N GLY E 114 -16.97 -22.01 -14.49
CA GLY E 114 -15.80 -22.47 -13.79
C GLY E 114 -14.69 -23.00 -14.67
N ASN E 115 -14.87 -22.98 -15.99
CA ASN E 115 -13.87 -23.50 -16.90
C ASN E 115 -12.70 -22.55 -17.07
N TYR E 116 -12.93 -21.25 -16.90
CA TYR E 116 -11.94 -20.23 -17.22
C TYR E 116 -11.82 -19.24 -16.07
N VAL E 117 -10.61 -18.72 -15.89
CA VAL E 117 -10.40 -17.47 -15.18
C VAL E 117 -9.74 -16.50 -16.13
N ALA E 118 -10.07 -15.22 -15.96
CA ALA E 118 -9.42 -14.12 -16.65
C ALA E 118 -8.69 -13.27 -15.63
N CYS E 119 -7.64 -12.60 -16.08
CA CYS E 119 -7.06 -11.53 -15.29
C CYS E 119 -6.38 -10.52 -16.20
N GLY E 120 -6.13 -9.34 -15.64
CA GLY E 120 -5.47 -8.29 -16.39
C GLY E 120 -5.04 -7.18 -15.46
N GLY E 121 -4.26 -6.27 -16.00
CA GLY E 121 -3.85 -5.09 -15.30
C GLY E 121 -3.04 -4.15 -16.17
N LEU E 122 -1.88 -3.72 -15.66
CA LEU E 122 -1.03 -2.79 -16.38
C LEU E 122 -0.45 -3.37 -17.66
N ASP E 123 -0.57 -4.68 -17.87
CA ASP E 123 -0.22 -5.28 -19.16
C ASP E 123 -1.15 -4.86 -20.29
N ASN E 124 -2.29 -4.24 -19.97
CA ASN E 124 -3.33 -3.89 -20.95
C ASN E 124 -3.89 -5.12 -21.66
N ILE E 125 -3.71 -6.29 -21.07
CA ILE E 125 -4.12 -7.57 -21.65
C ILE E 125 -5.08 -8.24 -20.69
N CYS E 126 -6.14 -8.82 -21.22
CA CYS E 126 -6.98 -9.74 -20.45
C CYS E 126 -6.57 -11.16 -20.82
N SER E 127 -5.80 -11.78 -19.93
CA SER E 127 -5.35 -13.14 -20.13
C SER E 127 -6.41 -14.11 -19.64
N ILE E 128 -6.76 -15.08 -20.48
CA ILE E 128 -7.83 -16.02 -20.21
C ILE E 128 -7.19 -17.39 -20.00
N TYR E 129 -7.45 -17.98 -18.85
CA TYR E 129 -6.78 -19.19 -18.41
C TYR E 129 -7.76 -20.36 -18.41
N ASN E 130 -7.43 -21.40 -19.17
CA ASN E 130 -8.25 -22.60 -19.25
C ASN E 130 -7.91 -23.48 -18.05
N LEU E 131 -8.88 -23.64 -17.15
CA LEU E 131 -8.67 -24.42 -15.94
C LEU E 131 -8.86 -25.93 -16.12
N LYS E 132 -9.48 -26.36 -17.23
CA LYS E 132 -9.82 -27.76 -17.43
C LYS E 132 -9.09 -28.36 -18.63
N THR E 133 -7.81 -28.03 -18.77
CA THR E 133 -6.99 -28.70 -19.75
C THR E 133 -6.60 -30.09 -19.25
N ARG E 134 -6.26 -30.96 -20.20
CA ARG E 134 -5.73 -32.28 -19.83
C ARG E 134 -4.38 -32.19 -19.14
N GLU E 135 -3.65 -31.09 -19.36
CA GLU E 135 -2.39 -30.86 -18.67
C GLU E 135 -2.60 -30.80 -17.16
N GLY E 136 -1.53 -31.08 -16.42
CA GLY E 136 -1.53 -30.95 -14.98
C GLY E 136 -1.55 -29.53 -14.46
N ASN E 137 -1.37 -28.54 -15.33
CA ASN E 137 -1.34 -27.15 -14.90
C ASN E 137 -2.11 -26.28 -15.88
N VAL E 138 -2.52 -25.11 -15.38
CA VAL E 138 -3.33 -24.17 -16.14
C VAL E 138 -2.52 -23.56 -17.28
N ARG E 139 -3.19 -23.30 -18.40
CA ARG E 139 -2.58 -22.73 -19.58
C ARG E 139 -3.36 -21.50 -20.01
N VAL E 140 -2.65 -20.54 -20.62
CA VAL E 140 -3.31 -19.38 -21.22
C VAL E 140 -4.06 -19.83 -22.46
N SER E 141 -5.37 -19.60 -22.47
CA SER E 141 -6.16 -19.83 -23.67
C SER E 141 -6.00 -18.69 -24.68
N ARG E 142 -6.15 -17.45 -24.22
CA ARG E 142 -6.14 -16.29 -25.10
C ARG E 142 -5.57 -15.10 -24.34
N GLU E 143 -4.95 -14.19 -25.08
CA GLU E 143 -4.52 -12.90 -24.55
C GLU E 143 -5.16 -11.79 -25.36
N LEU E 144 -6.16 -11.15 -24.77
CA LEU E 144 -6.92 -10.10 -25.43
C LEU E 144 -6.14 -8.80 -25.36
N ALA E 145 -5.64 -8.32 -26.51
CA ALA E 145 -4.51 -7.40 -26.53
C ALA E 145 -4.86 -6.03 -27.09
N GLY E 146 -6.14 -5.70 -27.24
CA GLY E 146 -6.51 -4.49 -27.95
C GLY E 146 -6.71 -3.25 -27.10
N HIS E 147 -6.79 -3.38 -25.78
CA HIS E 147 -6.92 -2.22 -24.92
C HIS E 147 -5.64 -1.38 -24.94
N THR E 148 -5.82 -0.07 -24.85
CA THR E 148 -4.72 0.88 -24.79
C THR E 148 -4.60 1.52 -23.41
N GLY E 149 -5.04 0.80 -22.37
CA GLY E 149 -4.80 1.18 -21.00
C GLY E 149 -5.03 -0.02 -20.12
N TYR E 150 -4.78 0.17 -18.82
CA TYR E 150 -4.76 -0.96 -17.91
C TYR E 150 -6.15 -1.56 -17.74
N LEU E 151 -6.21 -2.88 -17.69
CA LEU E 151 -7.46 -3.59 -17.41
C LEU E 151 -7.85 -3.40 -15.95
N SER E 152 -8.93 -2.66 -15.71
CA SER E 152 -9.40 -2.41 -14.36
C SER E 152 -10.43 -3.44 -13.90
N CYS E 153 -11.24 -3.97 -14.82
CA CYS E 153 -12.19 -5.01 -14.49
C CYS E 153 -12.42 -5.89 -15.71
N CYS E 154 -12.77 -7.14 -15.45
CA CYS E 154 -13.24 -8.04 -16.50
C CYS E 154 -14.27 -8.97 -15.90
N ARG E 155 -15.26 -9.33 -16.73
CA ARG E 155 -16.38 -10.16 -16.27
C ARG E 155 -16.86 -10.99 -17.45
N PHE E 156 -16.85 -12.31 -17.29
CA PHE E 156 -17.36 -13.20 -18.32
C PHE E 156 -18.88 -13.06 -18.45
N LEU E 157 -19.35 -12.84 -19.68
CA LEU E 157 -20.76 -13.11 -19.97
C LEU E 157 -21.00 -14.60 -20.09
N ASP E 158 -20.08 -15.28 -20.78
CA ASP E 158 -20.13 -16.71 -21.02
C ASP E 158 -18.71 -17.13 -21.37
N ASP E 159 -18.52 -18.44 -21.52
CA ASP E 159 -17.18 -18.95 -21.82
C ASP E 159 -16.55 -18.29 -23.04
N ASN E 160 -17.36 -17.81 -23.98
CA ASN E 160 -16.84 -17.15 -25.16
C ASN E 160 -16.78 -15.63 -25.05
N GLN E 161 -17.62 -15.00 -24.24
CA GLN E 161 -17.72 -13.56 -24.18
C GLN E 161 -17.27 -13.04 -22.83
N ILE E 162 -16.31 -12.12 -22.84
CA ILE E 162 -15.88 -11.40 -21.64
C ILE E 162 -15.98 -9.90 -21.89
N VAL E 163 -16.69 -9.21 -21.02
CA VAL E 163 -16.63 -7.75 -20.97
C VAL E 163 -15.40 -7.34 -20.17
N THR E 164 -14.74 -6.29 -20.62
CA THR E 164 -13.52 -5.79 -19.99
C THR E 164 -13.59 -4.28 -19.91
N SER E 165 -13.02 -3.73 -18.84
CA SER E 165 -12.93 -2.29 -18.68
C SER E 165 -11.46 -1.91 -18.57
N SER E 166 -11.14 -0.69 -18.96
CA SER E 166 -9.74 -0.34 -19.12
C SER E 166 -9.46 1.07 -18.62
N GLY E 167 -8.17 1.33 -18.37
CA GLY E 167 -7.69 2.69 -18.14
C GLY E 167 -7.90 3.66 -19.28
N ASP E 168 -7.74 3.22 -20.53
CA ASP E 168 -8.33 4.00 -21.60
C ASP E 168 -9.85 3.92 -21.51
N THR E 169 -10.49 5.06 -21.72
CA THR E 169 -11.79 5.34 -21.12
C THR E 169 -12.91 4.57 -21.81
N THR E 170 -12.77 3.24 -21.80
CA THR E 170 -13.39 2.38 -22.78
C THR E 170 -13.59 1.01 -22.18
N CYS E 171 -14.78 0.45 -22.36
CA CYS E 171 -15.00 -0.97 -22.18
C CYS E 171 -15.00 -1.65 -23.55
N ALA E 172 -14.76 -2.96 -23.53
CA ALA E 172 -14.87 -3.76 -24.74
C ALA E 172 -15.48 -5.10 -24.43
N LEU E 173 -16.30 -5.61 -25.35
CA LEU E 173 -16.80 -6.97 -25.29
C LEU E 173 -15.98 -7.83 -26.24
N TRP E 174 -15.44 -8.92 -25.72
CA TRP E 174 -14.48 -9.76 -26.43
C TRP E 174 -15.09 -11.11 -26.76
N ASP E 175 -14.88 -11.57 -27.99
CA ASP E 175 -15.07 -12.97 -28.33
C ASP E 175 -13.75 -13.68 -28.00
N ILE E 176 -13.80 -14.60 -27.04
CA ILE E 176 -12.57 -15.25 -26.58
C ILE E 176 -12.01 -16.20 -27.63
N GLU E 177 -12.87 -16.86 -28.41
CA GLU E 177 -12.37 -17.77 -29.43
C GLU E 177 -11.69 -17.00 -30.57
N THR E 178 -12.29 -15.89 -31.00
CA THR E 178 -11.68 -15.07 -32.04
C THR E 178 -10.58 -14.18 -31.48
N GLY E 179 -10.69 -13.76 -30.23
CA GLY E 179 -9.72 -12.85 -29.65
C GLY E 179 -9.88 -11.40 -30.05
N GLN E 180 -11.07 -10.97 -30.43
CA GLN E 180 -11.29 -9.65 -31.01
C GLN E 180 -12.42 -8.95 -30.30
N GLN E 181 -12.40 -7.63 -30.34
CA GLN E 181 -13.48 -6.83 -29.77
C GLN E 181 -14.72 -6.95 -30.66
N THR E 182 -15.74 -7.64 -30.18
CA THR E 182 -17.03 -7.59 -30.83
C THR E 182 -17.66 -6.22 -30.71
N THR E 183 -17.40 -5.50 -29.62
CA THR E 183 -17.99 -4.20 -29.40
C THR E 183 -17.07 -3.40 -28.50
N THR E 184 -17.08 -2.07 -28.68
CA THR E 184 -16.40 -1.14 -27.80
C THR E 184 -17.41 -0.16 -27.20
N PHE E 185 -17.17 0.21 -25.95
CA PHE E 185 -18.08 1.04 -25.17
C PHE E 185 -17.33 2.31 -24.78
N THR E 186 -17.49 3.36 -25.58
CA THR E 186 -16.52 4.44 -25.67
C THR E 186 -16.94 5.71 -24.92
N GLY E 187 -18.16 5.78 -24.41
CA GLY E 187 -18.69 7.05 -23.94
C GLY E 187 -18.10 7.58 -22.65
N HIS E 188 -17.32 6.79 -21.92
CA HIS E 188 -16.70 7.28 -20.71
C HIS E 188 -15.58 8.27 -21.03
N THR E 189 -15.33 9.18 -20.09
CA THR E 189 -14.34 10.23 -20.26
C THR E 189 -13.21 10.15 -19.23
N GLY E 190 -13.28 9.22 -18.27
CA GLY E 190 -12.16 8.90 -17.42
C GLY E 190 -11.93 7.40 -17.39
N ASP E 191 -10.86 7.01 -16.68
CA ASP E 191 -10.55 5.60 -16.52
C ASP E 191 -11.77 4.85 -16.01
N VAL E 192 -12.18 3.81 -16.74
CA VAL E 192 -13.23 2.93 -16.25
C VAL E 192 -12.64 2.04 -15.18
N MET E 193 -13.25 2.03 -14.01
CA MET E 193 -12.69 1.36 -12.85
C MET E 193 -13.39 0.08 -12.47
N SER E 194 -14.67 -0.08 -12.82
CA SER E 194 -15.42 -1.22 -12.36
C SER E 194 -16.52 -1.55 -13.36
N LEU E 195 -16.84 -2.84 -13.45
CA LEU E 195 -18.00 -3.33 -14.18
C LEU E 195 -18.89 -4.09 -13.21
N SER E 196 -20.20 -4.06 -13.44
CA SER E 196 -21.05 -5.14 -12.98
C SER E 196 -22.02 -5.53 -14.07
N LEU E 197 -22.06 -6.82 -14.37
CA LEU E 197 -23.04 -7.38 -15.28
C LEU E 197 -24.40 -7.50 -14.61
N ALA E 198 -25.45 -7.15 -15.33
CA ALA E 198 -26.79 -7.40 -14.83
C ALA E 198 -27.02 -8.90 -14.69
N PRO E 199 -27.90 -9.32 -13.78
CA PRO E 199 -28.30 -10.73 -13.73
C PRO E 199 -28.79 -11.29 -15.05
N ASP E 200 -29.48 -10.49 -15.87
CA ASP E 200 -29.89 -10.93 -17.18
C ASP E 200 -28.75 -10.96 -18.20
N THR E 201 -27.58 -10.44 -17.86
CA THR E 201 -26.36 -10.43 -18.65
C THR E 201 -26.48 -9.57 -19.90
N ARG E 202 -27.62 -8.96 -20.17
CA ARG E 202 -27.72 -8.10 -21.34
C ARG E 202 -27.24 -6.67 -21.08
N LEU E 203 -27.50 -6.14 -19.89
CA LEU E 203 -26.98 -4.84 -19.49
C LEU E 203 -25.71 -5.01 -18.65
N PHE E 204 -24.84 -4.01 -18.71
CA PHE E 204 -23.88 -3.79 -17.63
C PHE E 204 -23.73 -2.30 -17.37
N VAL E 205 -23.34 -1.98 -16.13
CA VAL E 205 -22.98 -0.63 -15.72
C VAL E 205 -21.49 -0.58 -15.47
N SER E 206 -20.85 0.50 -15.92
CA SER E 206 -19.44 0.72 -15.64
C SER E 206 -19.24 2.08 -15.01
N GLY E 207 -18.53 2.10 -13.89
CA GLY E 207 -18.17 3.34 -13.20
C GLY E 207 -16.77 3.76 -13.60
N ALA E 208 -16.56 5.06 -13.72
CA ALA E 208 -15.26 5.55 -14.16
C ALA E 208 -14.81 6.72 -13.29
N CYS E 209 -13.52 7.05 -13.47
CA CYS E 209 -12.91 8.26 -12.90
C CYS E 209 -13.59 9.55 -13.33
N ASP E 210 -14.40 9.55 -14.39
CA ASP E 210 -15.23 10.71 -14.69
C ASP E 210 -16.18 11.06 -13.54
N ALA E 211 -16.39 10.15 -12.59
CA ALA E 211 -17.43 10.17 -11.56
C ALA E 211 -18.83 9.90 -12.09
N SER E 212 -18.97 9.45 -13.32
CA SER E 212 -20.24 8.96 -13.83
C SER E 212 -20.24 7.44 -13.82
N ALA E 213 -21.40 6.86 -13.55
CA ALA E 213 -21.71 5.51 -13.98
C ALA E 213 -22.48 5.56 -15.28
N LYS E 214 -22.26 4.55 -16.11
CA LYS E 214 -22.99 4.44 -17.37
C LYS E 214 -23.57 3.05 -17.51
N LEU E 215 -24.83 2.98 -17.96
CA LEU E 215 -25.48 1.74 -18.30
C LEU E 215 -25.27 1.44 -19.78
N TRP E 216 -24.85 0.21 -20.08
CA TRP E 216 -24.52 -0.21 -21.43
C TRP E 216 -25.32 -1.44 -21.81
N ASP E 217 -25.75 -1.50 -23.06
CA ASP E 217 -26.35 -2.69 -23.64
C ASP E 217 -25.27 -3.44 -24.40
N VAL E 218 -25.01 -4.69 -24.00
CA VAL E 218 -23.93 -5.44 -24.63
C VAL E 218 -24.22 -5.72 -26.09
N ARG E 219 -25.51 -5.79 -26.47
CA ARG E 219 -25.87 -6.10 -27.84
C ARG E 219 -25.85 -4.86 -28.71
N GLU E 220 -26.33 -3.74 -28.20
CA GLU E 220 -26.42 -2.52 -28.99
C GLU E 220 -25.14 -1.70 -28.97
N GLY E 221 -24.28 -1.89 -27.97
CA GLY E 221 -23.03 -1.17 -27.92
C GLY E 221 -23.16 0.29 -27.61
N MET E 222 -24.14 0.67 -26.81
CA MET E 222 -24.50 2.07 -26.63
C MET E 222 -24.81 2.33 -25.17
N CYS E 223 -24.62 3.57 -24.75
CA CYS E 223 -24.91 3.96 -23.38
C CYS E 223 -26.39 4.31 -23.23
N ARG E 224 -27.10 3.55 -22.41
CA ARG E 224 -28.51 3.81 -22.15
C ARG E 224 -28.69 5.01 -21.24
N GLN E 225 -27.91 5.11 -20.18
CA GLN E 225 -28.06 6.16 -19.17
C GLN E 225 -26.71 6.51 -18.58
N THR E 226 -26.57 7.77 -18.16
CA THR E 226 -25.41 8.24 -17.41
C THR E 226 -25.87 8.72 -16.04
N PHE E 227 -25.23 8.21 -14.98
CA PHE E 227 -25.55 8.54 -13.61
C PHE E 227 -24.38 9.30 -12.99
N THR E 228 -24.65 10.48 -12.44
CA THR E 228 -23.59 11.46 -12.22
C THR E 228 -23.70 12.13 -10.86
N GLY E 229 -24.32 11.47 -9.89
CA GLY E 229 -24.41 12.02 -8.55
C GLY E 229 -23.12 12.04 -7.77
N HIS E 230 -22.18 11.16 -8.12
CA HIS E 230 -20.92 11.06 -7.38
C HIS E 230 -20.04 12.28 -7.59
N GLU E 231 -19.27 12.60 -6.55
CA GLU E 231 -18.27 13.68 -6.64
C GLU E 231 -16.95 13.23 -7.24
N SER E 232 -16.53 11.99 -7.01
CA SER E 232 -15.18 11.58 -7.37
C SER E 232 -15.22 10.19 -8.01
N ASP E 233 -14.02 9.67 -8.30
CA ASP E 233 -13.87 8.45 -9.10
C ASP E 233 -14.66 7.30 -8.52
N ILE E 234 -15.47 6.66 -9.36
CA ILE E 234 -16.27 5.51 -8.96
C ILE E 234 -15.41 4.25 -9.01
N ASN E 235 -14.74 3.93 -7.90
CA ASN E 235 -13.84 2.80 -7.87
C ASN E 235 -14.56 1.47 -8.03
N ALA E 236 -15.79 1.36 -7.53
CA ALA E 236 -16.49 0.09 -7.50
C ALA E 236 -17.95 0.27 -7.85
N ILE E 237 -18.50 -0.70 -8.57
CA ILE E 237 -19.90 -0.68 -9.01
C ILE E 237 -20.47 -2.10 -8.87
N CYS E 238 -21.69 -2.20 -8.37
CA CYS E 238 -22.35 -3.49 -8.22
C CYS E 238 -23.84 -3.37 -8.51
N PHE E 239 -24.32 -4.20 -9.42
CA PHE E 239 -25.76 -4.31 -9.65
C PHE E 239 -26.49 -4.85 -8.43
N PHE E 240 -27.61 -4.19 -8.11
CA PHE E 240 -28.55 -4.73 -7.15
C PHE E 240 -29.19 -5.99 -7.74
N PRO E 241 -29.43 -7.03 -6.94
CA PRO E 241 -29.75 -8.35 -7.50
C PRO E 241 -31.00 -8.38 -8.36
N ASN E 242 -31.86 -7.37 -8.29
CA ASN E 242 -33.02 -7.30 -9.16
C ASN E 242 -32.68 -6.87 -10.57
N GLY E 243 -31.47 -6.35 -10.79
CA GLY E 243 -31.06 -5.80 -12.06
C GLY E 243 -31.63 -4.44 -12.38
N ASN E 244 -32.32 -3.82 -11.44
CA ASN E 244 -33.01 -2.56 -11.66
C ASN E 244 -32.37 -1.39 -10.95
N ALA E 245 -31.37 -1.66 -10.11
CA ALA E 245 -30.60 -0.63 -9.45
C ALA E 245 -29.15 -1.08 -9.34
N PHE E 246 -28.27 -0.15 -9.03
CA PHE E 246 -26.88 -0.49 -8.76
C PHE E 246 -26.29 0.48 -7.75
N ALA E 247 -25.38 -0.04 -6.93
CA ALA E 247 -24.59 0.74 -5.99
C ALA E 247 -23.27 1.18 -6.62
N THR E 248 -22.77 2.32 -6.15
CA THR E 248 -21.54 2.90 -6.67
C THR E 248 -20.72 3.43 -5.49
N GLY E 249 -19.52 2.90 -5.33
CA GLY E 249 -18.57 3.41 -4.37
C GLY E 249 -17.57 4.34 -5.03
N SER E 250 -17.22 5.41 -4.32
CA SER E 250 -16.33 6.42 -4.86
C SER E 250 -15.27 6.82 -3.86
N ASP E 251 -14.19 7.43 -4.39
CA ASP E 251 -13.21 8.12 -3.57
C ASP E 251 -13.81 9.18 -2.66
N ASP E 252 -15.01 9.67 -2.98
CA ASP E 252 -15.69 10.64 -2.13
C ASP E 252 -16.23 10.06 -0.83
N ALA E 253 -15.82 8.84 -0.48
CA ALA E 253 -16.17 8.17 0.77
C ALA E 253 -17.66 7.91 0.91
N THR E 254 -18.42 7.98 -0.19
CA THR E 254 -19.82 7.65 -0.18
C THR E 254 -20.08 6.46 -1.09
N CYS E 255 -21.04 5.63 -0.70
CA CYS E 255 -21.75 4.85 -1.69
C CYS E 255 -22.99 5.61 -2.12
N ARG E 256 -23.47 5.32 -3.32
CA ARG E 256 -24.73 5.84 -3.82
C ARG E 256 -25.48 4.73 -4.54
N LEU E 257 -26.78 4.69 -4.34
CA LEU E 257 -27.64 3.72 -5.02
C LEU E 257 -28.41 4.43 -6.12
N PHE E 258 -28.30 3.92 -7.33
CA PHE E 258 -28.96 4.46 -8.51
C PHE E 258 -29.95 3.43 -9.00
N ASP E 259 -31.15 3.86 -9.35
CA ASP E 259 -32.12 3.02 -10.03
C ASP E 259 -32.16 3.34 -11.52
N LEU E 260 -32.11 2.30 -12.35
CA LEU E 260 -32.10 2.48 -13.80
C LEU E 260 -33.35 3.21 -14.28
N ARG E 261 -34.51 2.83 -13.74
CA ARG E 261 -35.78 3.35 -14.25
C ARG E 261 -36.11 4.72 -13.68
N ALA E 262 -35.72 4.99 -12.44
CA ALA E 262 -35.81 6.36 -11.92
C ALA E 262 -34.71 7.26 -12.48
N ASP E 263 -33.67 6.69 -13.08
CA ASP E 263 -32.60 7.43 -13.74
C ASP E 263 -31.86 8.38 -12.80
N GLN E 264 -31.77 8.06 -11.51
CA GLN E 264 -31.18 8.99 -10.57
C GLN E 264 -30.81 8.26 -9.28
N GLU E 265 -30.05 8.95 -8.44
CA GLU E 265 -29.69 8.48 -7.11
C GLU E 265 -30.91 8.28 -6.21
N LEU E 266 -31.19 7.02 -5.86
CA LEU E 266 -32.17 6.76 -4.82
C LEU E 266 -31.66 7.15 -3.45
N MET E 267 -30.39 6.88 -3.16
CA MET E 267 -29.89 6.96 -1.79
C MET E 267 -28.38 7.10 -1.83
N THR E 268 -27.83 7.70 -0.77
CA THR E 268 -26.40 7.78 -0.57
C THR E 268 -26.04 7.25 0.82
N TYR E 269 -24.95 6.51 0.89
CA TYR E 269 -24.48 5.88 2.12
C TYR E 269 -23.17 6.56 2.53
N SER E 270 -23.23 7.33 3.60
CA SER E 270 -22.06 8.07 4.07
C SER E 270 -22.19 8.31 5.56
N HIS E 271 -21.05 8.30 6.23
CA HIS E 271 -20.94 8.75 7.61
C HIS E 271 -19.78 9.73 7.70
N ASP E 272 -19.96 10.76 8.55
CA ASP E 272 -18.94 11.79 8.71
C ASP E 272 -17.60 11.21 9.14
N ASN E 273 -17.61 10.10 9.89
CA ASN E 273 -16.38 9.47 10.32
C ASN E 273 -15.68 8.73 9.19
N ILE E 274 -16.33 8.57 8.04
CA ILE E 274 -15.80 7.85 6.90
C ILE E 274 -15.28 8.87 5.90
N ILE E 275 -13.97 9.09 5.91
CA ILE E 275 -13.31 9.96 4.94
C ILE E 275 -12.52 9.17 3.91
N CYS E 276 -12.41 7.86 4.06
CA CYS E 276 -11.68 7.03 3.11
C CYS E 276 -12.58 6.65 1.93
N GLY E 277 -11.98 6.61 0.74
CA GLY E 277 -12.71 6.22 -0.44
C GLY E 277 -13.18 4.78 -0.37
N ILE E 278 -14.27 4.51 -1.10
CA ILE E 278 -14.77 3.15 -1.27
C ILE E 278 -13.91 2.42 -2.29
N THR E 279 -13.48 1.21 -1.95
CA THR E 279 -12.65 0.41 -2.84
C THR E 279 -13.44 -0.65 -3.55
N SER E 280 -14.53 -1.12 -2.96
CA SER E 280 -15.23 -2.31 -3.39
C SER E 280 -16.65 -2.25 -2.84
N VAL E 281 -17.60 -2.76 -3.61
CA VAL E 281 -18.99 -2.83 -3.18
C VAL E 281 -19.57 -4.17 -3.61
N SER E 282 -20.46 -4.70 -2.77
CA SER E 282 -21.23 -5.88 -3.13
C SER E 282 -22.56 -5.82 -2.39
N PHE E 283 -23.59 -6.35 -3.01
CA PHE E 283 -24.84 -6.62 -2.33
C PHE E 283 -24.87 -8.02 -1.73
N SER E 284 -25.61 -8.17 -0.64
CA SER E 284 -26.08 -9.47 -0.22
C SER E 284 -27.18 -9.96 -1.16
N LYS E 285 -27.47 -11.27 -1.09
CA LYS E 285 -28.35 -11.90 -2.06
C LYS E 285 -29.74 -11.27 -2.10
N SER E 286 -30.24 -10.79 -0.96
CA SER E 286 -31.51 -10.10 -0.94
C SER E 286 -31.42 -8.65 -1.41
N GLY E 287 -30.22 -8.10 -1.53
CA GLY E 287 -30.04 -6.68 -1.78
C GLY E 287 -30.14 -5.79 -0.57
N ARG E 288 -30.51 -6.32 0.59
CA ARG E 288 -30.73 -5.50 1.76
C ARG E 288 -29.43 -4.99 2.36
N LEU E 289 -28.34 -5.71 2.17
CA LEU E 289 -27.03 -5.27 2.62
C LEU E 289 -26.18 -4.81 1.45
N LEU E 290 -25.62 -3.62 1.57
CA LEU E 290 -24.55 -3.16 0.72
C LEU E 290 -23.24 -3.25 1.50
N LEU E 291 -22.38 -4.17 1.10
CA LEU E 291 -21.05 -4.31 1.70
C LEU E 291 -20.09 -3.45 0.91
N ALA E 292 -19.41 -2.52 1.60
CA ALA E 292 -18.46 -1.61 0.98
C ALA E 292 -17.10 -1.75 1.64
N GLY E 293 -16.05 -1.88 0.84
CA GLY E 293 -14.69 -1.94 1.34
C GLY E 293 -14.04 -0.57 1.22
N TYR E 294 -13.13 -0.29 2.14
CA TYR E 294 -12.63 1.07 2.32
C TYR E 294 -11.11 1.12 2.26
N ASP E 295 -10.58 2.33 2.03
CA ASP E 295 -9.15 2.58 2.16
C ASP E 295 -8.68 2.45 3.60
N ASP E 296 -9.47 2.89 4.57
CA ASP E 296 -9.29 2.39 5.93
C ASP E 296 -9.71 0.94 5.99
N PHE E 297 -9.09 0.19 6.89
CA PHE E 297 -8.97 -1.25 6.69
C PHE E 297 -10.23 -2.01 7.07
N ASN E 298 -11.39 -1.45 6.76
CA ASN E 298 -12.67 -1.97 7.23
C ASN E 298 -13.57 -2.18 6.04
N CYS E 299 -14.52 -3.11 6.17
CA CYS E 299 -15.72 -3.09 5.35
C CYS E 299 -16.92 -2.73 6.22
N ASN E 300 -17.67 -1.73 5.79
CA ASN E 300 -18.93 -1.38 6.42
C ASN E 300 -20.08 -2.07 5.71
N VAL E 301 -20.98 -2.67 6.47
CA VAL E 301 -22.23 -3.22 5.96
C VAL E 301 -23.31 -2.17 6.15
N TRP E 302 -23.94 -1.76 5.05
CA TRP E 302 -24.99 -0.76 5.07
C TRP E 302 -26.32 -1.43 4.84
N ASP E 303 -27.32 -1.00 5.60
CA ASP E 303 -28.70 -1.22 5.21
C ASP E 303 -28.96 -0.45 3.92
N ALA E 304 -29.07 -1.17 2.80
CA ALA E 304 -29.22 -0.55 1.50
C ALA E 304 -30.54 0.19 1.35
N LEU E 305 -31.53 -0.13 2.19
CA LEU E 305 -32.81 0.58 2.14
C LEU E 305 -32.88 1.75 3.11
N LYS E 306 -32.24 1.65 4.28
CA LYS E 306 -32.36 2.69 5.29
C LYS E 306 -31.16 3.64 5.33
N ALA E 307 -30.07 3.32 4.64
CA ALA E 307 -28.81 4.08 4.73
C ALA E 307 -28.32 4.25 6.15
N ASP E 308 -28.18 3.13 6.86
CA ASP E 308 -27.45 3.14 8.12
C ASP E 308 -26.50 1.96 8.18
N ARG E 309 -25.48 2.08 9.02
CA ARG E 309 -24.36 1.14 9.06
C ARG E 309 -24.77 -0.05 9.91
N ALA E 310 -25.15 -1.14 9.25
CA ALA E 310 -25.52 -2.36 9.95
C ALA E 310 -24.35 -3.02 10.67
N GLY E 311 -23.13 -2.83 10.19
CA GLY E 311 -21.99 -3.42 10.89
C GLY E 311 -20.70 -3.10 10.17
N VAL E 312 -19.62 -3.65 10.72
CA VAL E 312 -18.27 -3.45 10.19
C VAL E 312 -17.52 -4.77 10.20
N LEU E 313 -16.91 -5.11 9.07
CA LEU E 313 -15.92 -6.17 8.98
C LEU E 313 -14.54 -5.56 9.23
N ALA E 314 -14.02 -5.72 10.44
CA ALA E 314 -12.91 -4.93 10.95
C ALA E 314 -11.60 -5.71 10.99
N GLY E 315 -11.52 -6.83 10.29
CA GLY E 315 -10.46 -7.79 10.50
C GLY E 315 -9.23 -7.62 9.64
N HIS E 316 -9.15 -6.58 8.82
CA HIS E 316 -8.02 -6.40 7.92
C HIS E 316 -7.02 -5.39 8.44
N ASP E 317 -5.78 -5.54 7.98
CA ASP E 317 -4.63 -4.78 8.43
C ASP E 317 -4.09 -3.86 7.35
N ASN E 318 -4.74 -3.80 6.20
CA ASN E 318 -4.40 -2.86 5.13
C ASN E 318 -5.66 -2.65 4.31
N ARG E 319 -5.56 -1.71 3.37
CA ARG E 319 -6.65 -1.39 2.46
C ARG E 319 -7.38 -2.61 1.96
N VAL E 320 -8.69 -2.66 2.19
CA VAL E 320 -9.52 -3.66 1.54
C VAL E 320 -9.59 -3.35 0.05
N SER E 321 -9.23 -4.33 -0.77
CA SER E 321 -9.10 -4.12 -2.20
C SER E 321 -10.28 -4.67 -2.99
N CYS E 322 -10.85 -5.77 -2.53
CA CYS E 322 -11.89 -6.47 -3.25
C CYS E 322 -12.81 -7.15 -2.26
N LEU E 323 -14.05 -7.34 -2.67
CA LEU E 323 -15.13 -7.66 -1.75
C LEU E 323 -16.24 -8.30 -2.59
N GLY E 324 -16.52 -9.57 -2.32
CA GLY E 324 -17.49 -10.29 -3.10
C GLY E 324 -18.35 -11.22 -2.26
N VAL E 325 -19.66 -11.16 -2.45
CA VAL E 325 -20.58 -12.08 -1.82
C VAL E 325 -20.82 -13.26 -2.75
N THR E 326 -20.85 -14.45 -2.18
CA THR E 326 -21.17 -15.66 -2.94
C THR E 326 -22.54 -15.53 -3.59
N ASP E 327 -22.71 -16.25 -4.71
CA ASP E 327 -24.01 -16.22 -5.38
C ASP E 327 -25.11 -16.86 -4.55
N ASP E 328 -24.77 -17.77 -3.63
CA ASP E 328 -25.73 -18.25 -2.66
C ASP E 328 -25.88 -17.32 -1.46
N GLY E 329 -25.11 -16.24 -1.41
CA GLY E 329 -25.20 -15.30 -0.33
C GLY E 329 -24.65 -15.77 0.99
N MET E 330 -24.02 -16.94 1.01
CA MET E 330 -23.66 -17.57 2.28
C MET E 330 -22.44 -16.94 2.93
N ALA E 331 -21.54 -16.37 2.14
CA ALA E 331 -20.36 -15.74 2.71
C ALA E 331 -19.94 -14.55 1.88
N VAL E 332 -19.25 -13.62 2.53
CA VAL E 332 -18.53 -12.54 1.86
C VAL E 332 -17.04 -12.75 2.07
N ALA E 333 -16.30 -12.79 0.97
CA ALA E 333 -14.85 -12.74 1.00
C ALA E 333 -14.36 -11.31 0.89
N THR E 334 -13.21 -11.03 1.50
CA THR E 334 -12.64 -9.69 1.54
C THR E 334 -11.14 -9.83 1.33
N GLY E 335 -10.67 -9.47 0.14
CA GLY E 335 -9.26 -9.36 -0.08
C GLY E 335 -8.74 -8.00 0.37
N SER E 336 -7.46 -7.97 0.73
CA SER E 336 -6.85 -6.73 1.18
C SER E 336 -5.40 -6.68 0.73
N TRP E 337 -4.85 -5.46 0.77
CA TRP E 337 -3.42 -5.25 0.60
C TRP E 337 -2.58 -5.87 1.71
N ASP E 338 -3.19 -6.39 2.77
CA ASP E 338 -2.45 -7.16 3.76
C ASP E 338 -2.06 -8.55 3.27
N SER E 339 -2.35 -8.89 2.01
CA SER E 339 -2.12 -10.19 1.38
C SER E 339 -3.05 -11.28 1.87
N PHE E 340 -3.95 -10.99 2.80
CA PHE E 340 -4.85 -12.00 3.34
C PHE E 340 -6.21 -11.88 2.67
N LEU E 341 -6.91 -13.00 2.60
CA LEU E 341 -8.21 -13.12 1.95
C LEU E 341 -9.19 -13.69 2.96
N LYS E 342 -9.87 -12.82 3.69
CA LYS E 342 -10.73 -13.22 4.79
C LYS E 342 -12.16 -13.43 4.33
N ILE E 343 -12.73 -14.56 4.73
CA ILE E 343 -14.08 -14.98 4.34
C ILE E 343 -14.98 -14.95 5.56
N TRP E 344 -16.14 -14.31 5.43
CA TRP E 344 -16.97 -13.96 6.56
C TRP E 344 -18.37 -14.52 6.40
N ASN E 345 -18.97 -14.93 7.51
CA ASN E 345 -20.38 -15.26 7.59
C ASN E 345 -20.87 -14.92 8.99
N GLY E 346 -22.18 -14.75 9.12
CA GLY E 346 -22.77 -14.50 10.42
C GLY E 346 -22.91 -15.75 11.28
N SER E 347 -23.69 -15.60 12.34
CA SER E 347 -24.10 -16.70 13.19
C SER E 347 -25.52 -16.46 13.68
N SER E 348 -26.25 -17.54 13.90
CA SER E 348 -27.62 -17.46 14.39
C SER E 348 -27.70 -16.81 15.76
#